data_1XJK
#
_entry.id   1XJK
#
_cell.length_a   118.120
_cell.length_b   122.860
_cell.length_c   106.060
_cell.angle_alpha   90.00
_cell.angle_beta   103.46
_cell.angle_gamma   90.00
#
_symmetry.space_group_name_H-M   'C 1 2 1'
#
loop_
_entity.id
_entity.type
_entity.pdbx_description
1 polymer 'ribonucleotide reductase, B12-dependent'
2 non-polymer 'MAGNESIUM ION'
3 non-polymer "ADENOSINE-5'-DIPHOSPHATE"
4 non-polymer "2'-DEOXYGUANOSINE-5'-TRIPHOSPHATE"
5 water water
#
_entity_poly.entity_id   1
_entity_poly.type   'polypeptide(L)'
_entity_poly.pdbx_seq_one_letter_code
;MKLSDLISRWIDVEPSKNAQIILRDRYFMKDLDGNYLETKWEDVARRVARVVATAELLNPSYKKNEKLDRIKEWEDIFFR
VLKARLFIPNSPTLFNAGLGVKHDLLWKPIDQMTLEDYEEIYRSRNHLHMLSACFVVPVGDSIEEIFEAVKEYALITKVG
GGVGSNFSELRPKGSFVAGTHGKASGPVSFMHVFNSAISVVKQGSRRRGALMGILNINHPDIEEFIDAKKENTGEAVLNF
FNLSVGFPMDKKEILKLYEEDGELELSHPRSTIRKKVKIRELFRKIATNAWKSGDPGLAFLGEMNKYYPLYPHRKINSTN
PCGEIGLSDYEACNLGSIDVAKFYNNGFVDLEALQELVQIAVRFLDNVIDVNVFPIDKITKAVKESRRLGLGIMGFADLL
YKLEIPYNSQEARDFAANLMAFIALHAHRTSYELGKEKGNFPLLEISRYRTEDNFVPFAMGMSNYDDEIREVMKMTKEFR
RNVALLTIAPTGSISNIADTSSGLEPNFLLAYTRFVTKDDGTKEPLLYVNQVLREKLNPEILKRIEKELIEKGSLKDIPD
VPEKIKKVFVVALDIDPMDHLLMQDAFQRYVDNNISKTINMPQSATVDDVLNVYLEALRTNVRGITVYRDGSLQTQVLTK
ALKT
;
_entity_poly.pdbx_strand_id   A,B
#
# COMPACT_ATOMS: atom_id res chain seq x y z
N MET A 1 -43.37 30.37 11.07
CA MET A 1 -42.33 31.28 11.66
C MET A 1 -41.30 31.61 10.60
N LYS A 2 -40.69 32.80 10.68
CA LYS A 2 -39.56 33.04 9.80
C LYS A 2 -38.38 32.32 10.44
N LEU A 3 -37.40 31.98 9.61
CA LEU A 3 -36.18 31.33 10.11
C LEU A 3 -35.44 32.16 11.19
N SER A 4 -35.40 33.49 11.02
CA SER A 4 -34.83 34.41 12.01
C SER A 4 -35.35 34.24 13.44
N ASP A 5 -36.65 34.02 13.61
CA ASP A 5 -37.20 33.82 14.95
C ASP A 5 -36.90 32.40 15.45
N LEU A 6 -36.81 31.46 14.54
CA LEU A 6 -36.38 30.10 14.91
C LEU A 6 -34.90 30.05 15.31
N ILE A 7 -34.05 30.83 14.63
CA ILE A 7 -32.63 30.93 14.95
C ILE A 7 -32.51 31.49 16.37
N SER A 8 -33.32 32.52 16.63
CA SER A 8 -33.47 33.13 17.95
C SER A 8 -33.84 32.19 19.11
N ARG A 9 -34.76 31.25 18.87
CA ARG A 9 -35.10 30.23 19.88
C ARG A 9 -33.90 29.31 20.19
N TRP A 10 -32.90 29.29 19.32
CA TRP A 10 -31.82 28.26 19.39
C TRP A 10 -30.41 28.76 19.54
N ILE A 11 -30.15 29.98 19.05
CA ILE A 11 -28.81 30.52 18.97
C ILE A 11 -28.06 30.62 20.30
N ASP A 12 -28.73 31.00 21.38
CA ASP A 12 -28.01 31.02 22.65
C ASP A 12 -28.16 29.74 23.47
N VAL A 13 -28.66 28.67 22.84
CA VAL A 13 -28.71 27.35 23.51
C VAL A 13 -27.43 26.59 23.19
N GLU A 14 -26.69 26.27 24.25
CA GLU A 14 -25.36 25.63 24.20
C GLU A 14 -25.44 24.09 24.08
N PRO A 15 -24.46 23.48 23.40
CA PRO A 15 -24.45 22.01 23.41
C PRO A 15 -24.47 21.41 24.83
N SER A 16 -24.87 20.16 24.95
CA SER A 16 -24.93 19.51 26.24
C SER A 16 -23.51 19.19 26.63
N LYS A 17 -23.28 18.76 27.87
CA LYS A 17 -21.93 18.48 28.33
C LYS A 17 -21.40 17.30 27.53
N ASN A 18 -22.34 16.44 27.12
CA ASN A 18 -22.05 15.31 26.24
C ASN A 18 -21.37 15.76 24.95
N ALA A 19 -22.05 16.66 24.24
CA ALA A 19 -21.54 17.18 22.99
C ALA A 19 -20.21 17.90 23.19
N GLN A 20 -20.07 18.61 24.31
CA GLN A 20 -18.88 19.38 24.60
C GLN A 20 -17.66 18.45 24.74
N ILE A 21 -17.87 17.23 25.23
CA ILE A 21 -16.78 16.24 25.29
C ILE A 21 -16.34 15.86 23.89
N ILE A 22 -17.31 15.60 23.03
CA ILE A 22 -17.09 15.29 21.61
C ILE A 22 -16.34 16.46 20.95
N LEU A 23 -16.82 17.67 21.17
CA LEU A 23 -16.17 18.80 20.53
C LEU A 23 -14.74 18.90 21.01
N ARG A 24 -14.53 18.88 22.33
CA ARG A 24 -13.18 18.98 22.84
C ARG A 24 -12.36 17.83 22.29
N ASP A 25 -12.92 16.62 22.29
CA ASP A 25 -12.16 15.45 21.85
C ASP A 25 -11.63 15.56 20.44
N ARG A 26 -12.48 15.96 19.51
CA ARG A 26 -12.06 15.94 18.10
C ARG A 26 -12.35 17.13 17.19
N TYR A 27 -13.16 18.11 17.63
CA TYR A 27 -13.59 19.22 16.73
C TYR A 27 -12.89 20.57 16.92
N PHE A 28 -12.57 20.93 18.16
CA PHE A 28 -11.90 22.18 18.43
C PHE A 28 -10.50 22.19 17.90
N MET A 29 -10.19 23.24 17.15
CA MET A 29 -8.89 23.39 16.59
C MET A 29 -7.88 23.66 17.71
N LYS A 30 -6.80 22.89 17.71
CA LYS A 30 -5.67 23.08 18.57
C LYS A 30 -4.55 23.66 17.72
N ASP A 31 -3.54 24.27 18.35
CA ASP A 31 -2.44 24.93 17.61
C ASP A 31 -1.22 24.03 17.63
N LEU A 32 -0.21 24.40 16.83
CA LEU A 32 1.00 23.58 16.62
C LEU A 32 1.53 22.99 17.93
N ASP A 33 1.23 23.67 19.05
CA ASP A 33 1.63 23.31 20.44
C ASP A 33 0.66 22.33 21.18
N GLY A 34 -0.60 22.25 20.72
CA GLY A 34 -1.61 21.37 21.34
C GLY A 34 -2.57 22.12 22.25
N ASN A 35 -2.43 23.45 22.22
CA ASN A 35 -3.29 24.43 22.87
C ASN A 35 -4.54 24.64 22.03
N TYR A 36 -5.68 24.85 22.69
CA TYR A 36 -6.93 25.11 22.02
C TYR A 36 -6.98 26.48 21.37
N LEU A 37 -7.33 26.51 20.10
CA LEU A 37 -7.67 27.75 19.40
C LEU A 37 -9.20 28.00 19.42
N GLU A 38 -9.95 26.98 19.84
CA GLU A 38 -11.40 27.06 19.98
C GLU A 38 -11.76 26.36 21.25
N THR A 39 -12.75 26.89 21.97
CA THR A 39 -13.19 26.28 23.24
C THR A 39 -14.70 26.17 23.35
N LYS A 40 -15.40 26.68 22.35
CA LYS A 40 -16.82 26.76 22.35
C LYS A 40 -17.29 26.46 20.93
N TRP A 41 -18.33 25.62 20.80
CA TRP A 41 -18.94 25.37 19.49
C TRP A 41 -19.09 26.59 18.58
N GLU A 42 -19.26 27.75 19.20
CA GLU A 42 -19.43 29.06 18.50
C GLU A 42 -18.20 29.49 17.67
N ASP A 43 -17.02 29.12 18.16
CA ASP A 43 -15.74 29.32 17.50
C ASP A 43 -15.64 28.49 16.25
N VAL A 44 -16.06 27.22 16.35
CA VAL A 44 -16.24 26.32 15.17
C VAL A 44 -17.20 26.89 14.13
N ALA A 45 -18.37 27.35 14.57
CA ALA A 45 -19.37 27.88 13.66
C ALA A 45 -18.80 29.13 12.95
N ARG A 46 -18.03 29.89 13.69
CA ARG A 46 -17.39 31.11 13.13
C ARG A 46 -16.45 30.75 12.01
N ARG A 47 -15.50 29.85 12.32
CA ARG A 47 -14.49 29.47 11.38
C ARG A 47 -15.09 28.83 10.12
N VAL A 48 -16.08 27.97 10.32
CA VAL A 48 -16.65 27.23 9.22
C VAL A 48 -17.56 28.13 8.41
N ALA A 49 -18.38 28.92 9.08
CA ALA A 49 -19.19 29.96 8.34
C ALA A 49 -18.30 30.85 7.45
N ARG A 50 -17.25 31.42 8.05
CA ARG A 50 -16.31 32.29 7.29
C ARG A 50 -15.66 31.69 6.04
N VAL A 51 -15.23 30.41 6.14
CA VAL A 51 -14.57 29.69 5.05
C VAL A 51 -15.51 29.37 3.87
N VAL A 52 -16.76 29.00 4.17
CA VAL A 52 -17.64 28.52 3.15
C VAL A 52 -18.24 29.77 2.47
N ALA A 53 -18.32 30.87 3.23
CA ALA A 53 -18.77 32.17 2.72
C ALA A 53 -17.74 32.75 1.70
N THR A 54 -16.45 32.51 1.96
CA THR A 54 -15.34 32.80 1.04
C THR A 54 -15.59 32.31 -0.41
N ALA A 55 -16.28 31.20 -0.56
CA ALA A 55 -16.64 30.73 -1.90
C ALA A 55 -17.47 31.77 -2.68
N GLU A 56 -18.05 32.77 -1.98
CA GLU A 56 -18.83 33.84 -2.65
C GLU A 56 -17.98 34.86 -3.50
N LEU A 57 -16.65 34.76 -3.38
CA LEU A 57 -15.68 35.51 -4.18
C LEU A 57 -15.85 35.17 -5.63
N LEU A 58 -16.23 33.92 -5.87
CA LEU A 58 -16.23 33.34 -7.21
C LEU A 58 -17.54 33.53 -7.90
N ASN A 59 -18.51 34.01 -7.16
CA ASN A 59 -19.86 34.24 -7.66
C ASN A 59 -19.85 35.32 -8.75
N PRO A 60 -20.14 34.94 -10.02
CA PRO A 60 -20.02 35.85 -11.14
C PRO A 60 -21.20 36.80 -11.26
N SER A 61 -22.03 36.85 -10.23
CA SER A 61 -23.25 37.64 -10.24
C SER A 61 -23.06 38.89 -9.39
N TYR A 62 -21.88 39.00 -8.79
CA TYR A 62 -21.61 40.08 -7.85
C TYR A 62 -20.64 41.06 -8.47
N LYS A 63 -21.10 42.30 -8.61
CA LYS A 63 -20.24 43.45 -8.93
C LYS A 63 -19.33 43.61 -7.74
N LYS A 64 -18.07 43.97 -7.96
CA LYS A 64 -17.11 44.15 -6.84
C LYS A 64 -17.56 45.22 -5.84
N ASN A 65 -18.36 46.16 -6.33
CA ASN A 65 -19.13 47.10 -5.50
C ASN A 65 -19.81 46.44 -4.29
N GLU A 66 -20.44 45.27 -4.51
CA GLU A 66 -21.28 44.60 -3.48
C GLU A 66 -20.63 43.44 -2.69
N LYS A 67 -19.50 42.92 -3.21
CA LYS A 67 -18.89 41.70 -2.70
C LYS A 67 -18.63 41.59 -1.20
N LEU A 68 -17.89 42.52 -0.61
CA LEU A 68 -17.65 42.42 0.83
C LEU A 68 -18.98 42.35 1.62
N ASP A 69 -20.00 43.08 1.16
CA ASP A 69 -21.28 43.12 1.87
C ASP A 69 -21.98 41.76 1.72
N ARG A 70 -22.02 41.29 0.47
CA ARG A 70 -22.65 40.00 0.15
C ARG A 70 -21.98 38.80 0.86
N ILE A 71 -20.66 38.72 0.79
CA ILE A 71 -19.90 37.74 1.55
C ILE A 71 -20.12 37.84 3.09
N LYS A 72 -20.15 39.05 3.65
CA LYS A 72 -20.35 39.15 5.11
C LYS A 72 -21.77 38.71 5.53
N GLU A 73 -22.69 38.75 4.57
CA GLU A 73 -24.07 38.47 4.86
C GLU A 73 -24.30 36.97 4.92
N TRP A 74 -23.84 36.28 3.87
CA TRP A 74 -23.71 34.82 3.88
C TRP A 74 -22.86 34.30 5.03
N GLU A 75 -21.76 34.95 5.34
CA GLU A 75 -21.02 34.53 6.54
C GLU A 75 -21.89 34.54 7.78
N ASP A 76 -22.68 35.60 7.93
CA ASP A 76 -23.50 35.75 9.14
C ASP A 76 -24.67 34.76 9.16
N ILE A 77 -25.30 34.55 8.00
CA ILE A 77 -26.40 33.61 7.92
C ILE A 77 -25.89 32.17 8.13
N PHE A 78 -24.79 31.79 7.48
CA PHE A 78 -24.10 30.52 7.76
C PHE A 78 -23.76 30.42 9.21
N PHE A 79 -23.13 31.45 9.78
CA PHE A 79 -22.80 31.44 11.21
C PHE A 79 -24.03 31.23 12.05
N ARG A 80 -25.13 31.90 11.69
CA ARG A 80 -26.33 31.78 12.53
C ARG A 80 -26.92 30.37 12.51
N VAL A 81 -27.10 29.78 11.32
CA VAL A 81 -27.69 28.44 11.26
C VAL A 81 -26.83 27.37 11.93
N LEU A 82 -25.50 27.50 11.81
CA LEU A 82 -24.54 26.62 12.51
C LEU A 82 -24.49 26.81 14.01
N LYS A 83 -24.41 28.05 14.47
CA LYS A 83 -24.42 28.26 15.94
C LYS A 83 -25.69 27.73 16.63
N ALA A 84 -26.83 27.92 15.97
CA ALA A 84 -28.13 27.42 16.43
C ALA A 84 -28.19 25.88 16.38
N ARG A 85 -27.36 25.31 15.49
CA ARG A 85 -27.29 23.86 15.25
C ARG A 85 -28.55 23.39 14.53
N LEU A 86 -29.02 24.19 13.58
CA LEU A 86 -30.18 23.87 12.76
C LEU A 86 -29.77 23.04 11.53
N PHE A 87 -28.52 23.25 11.10
CA PHE A 87 -27.86 22.54 9.98
C PHE A 87 -26.43 22.33 10.43
N ILE A 88 -25.87 21.16 10.10
CA ILE A 88 -24.48 20.86 10.42
C ILE A 88 -23.91 20.03 9.27
N PRO A 89 -22.81 20.53 8.64
CA PRO A 89 -22.19 19.80 7.55
C PRO A 89 -21.46 18.58 8.06
N ASN A 90 -21.28 17.57 7.21
CA ASN A 90 -20.42 16.42 7.61
C ASN A 90 -19.13 16.79 8.34
N SER A 91 -18.75 15.97 9.33
CA SER A 91 -17.53 16.17 10.12
C SER A 91 -16.23 16.69 9.51
N PRO A 92 -15.88 16.33 8.25
CA PRO A 92 -14.59 16.83 7.78
C PRO A 92 -14.63 18.30 7.50
N THR A 93 -15.79 18.83 7.13
CA THR A 93 -16.00 20.27 6.98
C THR A 93 -15.69 20.97 8.30
N LEU A 94 -16.19 20.40 9.39
CA LEU A 94 -15.93 20.89 10.73
C LEU A 94 -14.48 20.69 11.18
N PHE A 95 -13.85 19.59 10.84
CA PHE A 95 -12.47 19.40 11.28
C PHE A 95 -11.51 20.29 10.49
N ASN A 96 -11.74 20.42 9.19
CA ASN A 96 -10.69 20.90 8.28
C ASN A 96 -10.87 22.28 7.68
N ALA A 97 -12.05 22.87 7.86
CA ALA A 97 -12.30 24.20 7.29
C ALA A 97 -11.24 25.11 7.88
N GLY A 98 -10.60 25.92 7.06
CA GLY A 98 -9.57 26.84 7.52
C GLY A 98 -8.15 26.31 7.72
N LEU A 99 -7.85 25.05 7.38
CA LEU A 99 -6.49 24.56 7.52
C LEU A 99 -5.62 25.24 6.50
N GLY A 100 -4.50 25.80 6.95
CA GLY A 100 -3.60 26.53 6.06
C GLY A 100 -3.75 28.01 6.23
N VAL A 101 -4.96 28.44 6.62
CA VAL A 101 -5.29 29.87 6.81
C VAL A 101 -4.67 30.41 8.10
N LYS A 102 -4.12 31.63 8.01
CA LYS A 102 -3.52 32.31 9.17
C LYS A 102 -4.55 32.45 10.32
N HIS A 103 -4.13 32.18 11.57
CA HIS A 103 -5.09 32.10 12.68
C HIS A 103 -5.77 33.41 13.01
N ASP A 104 -5.14 34.55 12.72
CA ASP A 104 -5.80 35.81 13.04
C ASP A 104 -7.12 35.96 12.29
N LEU A 105 -7.11 35.50 11.03
CA LEU A 105 -8.26 35.59 10.12
C LEU A 105 -9.49 34.72 10.41
N LEU A 106 -9.30 33.59 11.10
CA LEU A 106 -10.40 32.60 11.20
C LEU A 106 -11.50 32.94 12.19
N TRP A 107 -11.15 33.61 13.28
CA TRP A 107 -12.11 33.93 14.33
C TRP A 107 -12.37 35.43 14.59
N LYS A 108 -11.67 36.29 13.84
CA LYS A 108 -11.65 37.71 14.18
C LYS A 108 -13.02 38.32 13.96
N PRO A 109 -13.37 39.38 14.72
CA PRO A 109 -14.72 39.93 14.52
C PRO A 109 -14.95 40.25 13.05
N ILE A 110 -16.15 39.89 12.56
CA ILE A 110 -16.55 40.06 11.17
C ILE A 110 -16.47 41.51 10.65
N ASP A 111 -16.79 42.47 11.52
CA ASP A 111 -16.82 43.89 11.17
C ASP A 111 -15.43 44.42 10.91
N GLN A 112 -14.40 43.62 11.23
CA GLN A 112 -13.01 43.92 10.84
C GLN A 112 -12.59 43.21 9.54
N MET A 113 -13.52 42.46 8.93
CA MET A 113 -13.17 41.68 7.74
C MET A 113 -13.15 42.54 6.48
N THR A 114 -11.99 42.62 5.84
CA THR A 114 -11.87 43.29 4.53
C THR A 114 -11.90 42.26 3.41
N LEU A 115 -12.14 42.73 2.17
CA LEU A 115 -12.18 41.87 0.98
C LEU A 115 -10.84 41.18 0.73
N GLU A 116 -9.77 41.78 1.21
CA GLU A 116 -8.44 41.18 1.11
C GLU A 116 -8.28 40.00 2.07
N ASP A 117 -8.88 40.14 3.24
CA ASP A 117 -8.95 39.04 4.21
C ASP A 117 -9.58 37.79 3.63
N TYR A 118 -10.71 37.94 2.94
CA TYR A 118 -11.41 36.83 2.25
C TYR A 118 -10.58 36.19 1.14
N GLU A 119 -10.02 37.02 0.26
CA GLU A 119 -9.03 36.55 -0.70
C GLU A 119 -7.88 35.78 -0.02
N GLU A 120 -7.36 36.28 1.08
CA GLU A 120 -6.29 35.60 1.80
C GLU A 120 -6.69 34.23 2.37
N ILE A 121 -7.90 34.15 2.95
CA ILE A 121 -8.45 32.85 3.37
C ILE A 121 -8.45 31.91 2.19
N TYR A 122 -8.97 32.39 1.07
CA TYR A 122 -9.13 31.57 -0.11
C TYR A 122 -7.81 31.02 -0.65
N ARG A 123 -6.80 31.90 -0.78
CA ARG A 123 -5.49 31.49 -1.32
C ARG A 123 -4.73 30.53 -0.42
N SER A 124 -4.90 30.66 0.89
CA SER A 124 -4.07 29.90 1.83
C SER A 124 -4.57 28.53 2.29
N ARG A 125 -5.76 28.12 1.88
CA ARG A 125 -6.26 26.79 2.26
C ARG A 125 -5.24 25.78 1.78
N ASN A 126 -4.71 24.97 2.70
CA ASN A 126 -3.67 24.02 2.31
C ASN A 126 -4.17 22.67 1.76
N HIS A 127 -3.23 21.75 1.54
CA HIS A 127 -3.49 20.44 0.96
C HIS A 127 -4.33 19.54 1.87
N LEU A 128 -4.57 19.96 3.09
CA LEU A 128 -5.36 19.20 4.03
C LEU A 128 -6.77 19.79 4.20
N HIS A 129 -7.12 20.83 3.43
CA HIS A 129 -8.43 21.52 3.50
C HIS A 129 -9.54 20.71 2.79
N MET A 130 -9.78 19.52 3.31
CA MET A 130 -10.62 18.56 2.68
C MET A 130 -11.89 18.44 3.55
N LEU A 131 -12.98 18.82 2.94
CA LEU A 131 -14.25 19.12 3.59
C LEU A 131 -15.37 18.15 3.20
N SER A 132 -15.05 17.04 2.50
CA SER A 132 -16.04 16.10 2.02
C SER A 132 -15.82 14.74 2.69
N ALA A 133 -16.91 14.08 3.07
CA ALA A 133 -16.85 12.76 3.74
C ALA A 133 -16.78 11.53 2.82
N CYS A 134 -17.29 11.64 1.59
CA CYS A 134 -17.66 10.47 0.79
C CYS A 134 -16.91 10.45 -0.52
N PHE A 135 -16.35 9.29 -0.85
CA PHE A 135 -15.48 9.10 -2.03
C PHE A 135 -15.68 7.73 -2.63
N VAL A 136 -15.56 7.63 -3.94
CA VAL A 136 -15.42 6.31 -4.57
C VAL A 136 -14.17 6.30 -5.47
N VAL A 137 -13.40 5.21 -5.39
CA VAL A 137 -12.27 5.09 -6.31
C VAL A 137 -12.36 3.76 -7.09
N PRO A 138 -12.01 3.76 -8.40
CA PRO A 138 -11.94 2.47 -9.11
C PRO A 138 -10.69 1.65 -8.76
N VAL A 139 -10.75 0.36 -9.00
CA VAL A 139 -9.61 -0.52 -8.79
C VAL A 139 -9.56 -1.37 -10.07
N GLY A 140 -8.77 -0.94 -11.04
CA GLY A 140 -8.69 -1.64 -12.32
C GLY A 140 -7.93 -2.97 -12.19
N ASP A 141 -8.06 -3.81 -13.23
CA ASP A 141 -7.53 -5.19 -13.24
C ASP A 141 -6.05 -5.28 -13.58
N SER A 142 -5.21 -4.59 -12.82
CA SER A 142 -3.77 -4.67 -12.97
C SER A 142 -3.04 -4.31 -11.70
N ILE A 143 -1.79 -4.75 -11.58
CA ILE A 143 -1.01 -4.55 -10.36
C ILE A 143 -0.80 -3.07 -10.07
N GLU A 144 -0.45 -2.34 -11.10
CA GLU A 144 -0.27 -0.90 -11.02
C GLU A 144 -1.52 -0.09 -10.62
N GLU A 145 -2.65 -0.43 -11.23
CA GLU A 145 -3.91 0.21 -10.83
C GLU A 145 -4.38 -0.20 -9.42
N ILE A 146 -4.20 -1.48 -9.00
CA ILE A 146 -4.50 -1.94 -7.65
C ILE A 146 -3.75 -1.12 -6.64
N PHE A 147 -2.45 -0.97 -6.88
CA PHE A 147 -1.57 -0.22 -6.01
C PHE A 147 -1.63 1.32 -6.17
N GLU A 148 -1.95 1.86 -7.33
CA GLU A 148 -2.39 3.29 -7.36
C GLU A 148 -3.64 3.48 -6.45
N ALA A 149 -4.55 2.51 -6.42
CA ALA A 149 -5.78 2.59 -5.60
C ALA A 149 -5.50 2.50 -4.12
N VAL A 150 -4.54 1.67 -3.70
CA VAL A 150 -4.19 1.57 -2.30
C VAL A 150 -3.65 2.96 -1.89
N LYS A 151 -2.75 3.51 -2.71
CA LYS A 151 -2.25 4.84 -2.45
C LYS A 151 -3.42 5.85 -2.32
N GLU A 152 -4.36 5.89 -3.25
CA GLU A 152 -5.55 6.75 -3.06
C GLU A 152 -6.29 6.52 -1.78
N TYR A 153 -6.50 5.26 -1.40
CA TYR A 153 -7.20 5.00 -0.12
C TYR A 153 -6.48 5.69 1.03
N ALA A 154 -5.17 5.48 1.13
CA ALA A 154 -4.39 6.00 2.27
C ALA A 154 -4.45 7.53 2.30
N LEU A 155 -4.40 8.17 1.14
CA LEU A 155 -4.38 9.66 1.06
C LEU A 155 -5.75 10.28 1.37
N ILE A 156 -6.82 9.65 0.89
CA ILE A 156 -8.22 10.08 1.22
C ILE A 156 -8.48 9.86 2.71
N THR A 157 -8.09 8.70 3.19
CA THR A 157 -8.27 8.36 4.61
C THR A 157 -7.54 9.33 5.51
N LYS A 158 -6.30 9.63 5.19
CA LYS A 158 -5.52 10.55 6.00
C LYS A 158 -6.20 11.92 6.23
N VAL A 159 -6.87 12.43 5.21
CA VAL A 159 -7.45 13.79 5.32
C VAL A 159 -8.91 13.83 5.83
N GLY A 160 -9.43 12.66 6.17
CA GLY A 160 -10.74 12.57 6.75
C GLY A 160 -11.81 11.87 5.95
N GLY A 161 -11.51 11.43 4.72
CA GLY A 161 -12.55 10.87 3.87
C GLY A 161 -12.88 9.38 4.15
N GLY A 162 -14.10 8.98 3.78
CA GLY A 162 -14.51 7.55 3.81
C GLY A 162 -14.57 7.09 2.37
N VAL A 163 -14.01 5.92 2.02
CA VAL A 163 -13.81 5.59 0.63
C VAL A 163 -14.37 4.22 0.28
N GLY A 164 -14.96 4.06 -0.88
CA GLY A 164 -15.33 2.73 -1.32
C GLY A 164 -14.94 2.35 -2.69
N SER A 165 -14.99 1.05 -2.97
CA SER A 165 -14.67 0.54 -4.28
C SER A 165 -15.47 -0.70 -4.65
N ASN A 166 -15.78 -0.79 -5.91
CA ASN A 166 -16.19 -2.11 -6.47
C ASN A 166 -14.92 -2.81 -6.90
N PHE A 167 -14.68 -4.02 -6.38
CA PHE A 167 -13.48 -4.78 -6.75
C PHE A 167 -13.67 -5.80 -7.88
N SER A 168 -14.85 -5.78 -8.47
CA SER A 168 -15.28 -6.71 -9.51
C SER A 168 -14.47 -6.77 -10.77
N GLU A 169 -13.81 -5.67 -11.13
CA GLU A 169 -12.85 -5.68 -12.25
C GLU A 169 -11.67 -6.63 -12.05
N LEU A 170 -11.21 -6.87 -10.82
CA LEU A 170 -10.12 -7.80 -10.63
C LEU A 170 -10.54 -9.21 -11.02
N ARG A 171 -9.69 -9.91 -11.77
CA ARG A 171 -10.02 -11.23 -12.32
C ARG A 171 -9.95 -12.27 -11.23
N PRO A 172 -10.83 -13.31 -11.26
CA PRO A 172 -10.93 -14.22 -10.12
C PRO A 172 -9.64 -14.92 -9.74
N LYS A 173 -9.59 -15.46 -8.53
CA LYS A 173 -8.48 -16.27 -8.10
C LYS A 173 -8.15 -17.37 -9.11
N GLY A 174 -6.85 -17.56 -9.35
CA GLY A 174 -6.37 -18.67 -10.18
C GLY A 174 -6.43 -18.38 -11.66
N SER A 175 -6.87 -17.20 -12.02
CA SER A 175 -7.04 -16.91 -13.41
C SER A 175 -5.70 -16.58 -14.10
N PHE A 176 -5.73 -16.53 -15.44
CA PHE A 176 -4.55 -16.40 -16.30
C PHE A 176 -3.92 -15.00 -16.29
N VAL A 177 -2.61 -14.96 -16.09
CA VAL A 177 -1.88 -13.67 -16.19
C VAL A 177 -0.94 -13.70 -17.38
N ALA A 178 -1.11 -12.75 -18.30
CA ALA A 178 -0.35 -12.75 -19.55
C ALA A 178 1.15 -12.73 -19.34
N GLY A 179 1.83 -13.64 -20.03
CA GLY A 179 3.29 -13.72 -20.09
C GLY A 179 3.97 -14.30 -18.86
N THR A 180 3.20 -14.93 -17.98
CA THR A 180 3.77 -15.53 -16.76
C THR A 180 3.40 -17.00 -16.64
N HIS A 181 2.16 -17.35 -16.99
CA HIS A 181 1.63 -18.67 -16.65
C HIS A 181 1.55 -18.83 -15.11
N GLY A 182 1.98 -17.78 -14.39
CA GLY A 182 1.60 -17.56 -12.99
C GLY A 182 0.16 -17.05 -12.97
N LYS A 183 -0.55 -17.28 -11.87
CA LYS A 183 -1.99 -16.99 -11.82
C LYS A 183 -2.40 -15.78 -10.95
N ALA A 184 -3.50 -15.12 -11.30
CA ALA A 184 -4.00 -13.97 -10.54
C ALA A 184 -4.49 -14.44 -9.19
N SER A 185 -4.27 -13.62 -8.16
CA SER A 185 -4.66 -14.03 -6.81
C SER A 185 -6.14 -13.70 -6.48
N GLY A 186 -6.75 -12.73 -7.16
CA GLY A 186 -8.19 -12.47 -6.98
C GLY A 186 -8.53 -11.19 -6.21
N PRO A 187 -9.79 -10.70 -6.35
CA PRO A 187 -10.07 -9.46 -5.56
C PRO A 187 -9.90 -9.59 -4.05
N VAL A 188 -10.34 -10.69 -3.41
CA VAL A 188 -10.30 -10.73 -1.96
C VAL A 188 -8.86 -10.62 -1.49
N SER A 189 -7.93 -11.30 -2.19
CA SER A 189 -6.52 -11.22 -1.80
C SER A 189 -6.01 -9.80 -1.70
N PHE A 190 -6.33 -8.97 -2.67
CA PHE A 190 -5.84 -7.57 -2.66
C PHE A 190 -6.60 -6.72 -1.67
N MET A 191 -7.84 -7.12 -1.34
CA MET A 191 -8.58 -6.32 -0.35
C MET A 191 -7.86 -6.36 1.00
N HIS A 192 -7.05 -7.39 1.20
CA HIS A 192 -6.26 -7.46 2.45
C HIS A 192 -5.17 -6.42 2.55
N VAL A 193 -4.64 -6.01 1.40
CA VAL A 193 -3.60 -4.99 1.31
C VAL A 193 -4.23 -3.62 1.61
N PHE A 194 -5.39 -3.35 1.01
CA PHE A 194 -6.20 -2.14 1.33
C PHE A 194 -6.51 -2.05 2.84
N ASN A 195 -6.97 -3.15 3.42
CA ASN A 195 -7.17 -3.27 4.86
C ASN A 195 -5.95 -2.99 5.73
N SER A 196 -4.84 -3.71 5.47
CA SER A 196 -3.53 -3.45 6.13
C SER A 196 -3.10 -1.99 6.03
N ALA A 197 -3.16 -1.44 4.80
CA ALA A 197 -2.83 -0.03 4.61
C ALA A 197 -3.61 0.84 5.58
N ILE A 198 -4.93 0.64 5.65
CA ILE A 198 -5.80 1.57 6.36
C ILE A 198 -5.70 1.30 7.84
N SER A 199 -5.58 0.03 8.23
CA SER A 199 -5.30 -0.26 9.65
C SER A 199 -4.05 0.47 10.19
N VAL A 200 -3.10 0.75 9.31
CA VAL A 200 -1.97 1.53 9.67
C VAL A 200 -2.22 3.04 9.53
N VAL A 201 -2.84 3.52 8.46
CA VAL A 201 -3.14 4.95 8.39
C VAL A 201 -4.01 5.41 9.55
N LYS A 202 -4.98 4.60 9.95
CA LYS A 202 -5.86 4.92 11.04
C LYS A 202 -5.34 4.49 12.42
N GLN A 203 -4.08 4.08 12.49
CA GLN A 203 -3.49 3.58 13.73
C GLN A 203 -3.49 4.64 14.82
N GLY A 204 -4.39 4.46 15.79
CA GLY A 204 -4.54 5.35 16.94
C GLY A 204 -5.89 6.04 16.88
N SER A 205 -5.92 7.16 16.13
CA SER A 205 -7.15 7.91 15.83
C SER A 205 -7.38 7.87 14.32
N ALA A 210 -13.16 4.81 7.16
CA ALA A 210 -13.79 3.45 7.05
C ALA A 210 -14.03 3.29 5.60
N LEU A 211 -14.34 2.06 5.21
CA LEU A 211 -14.24 1.63 3.83
C LEU A 211 -15.40 0.79 3.42
N MET A 212 -15.71 0.85 2.13
CA MET A 212 -16.74 0.01 1.53
C MET A 212 -16.01 -0.87 0.49
N GLY A 213 -16.21 -2.18 0.56
CA GLY A 213 -15.82 -3.09 -0.54
C GLY A 213 -17.02 -3.80 -1.14
N ILE A 214 -17.15 -3.78 -2.47
CA ILE A 214 -18.32 -4.31 -3.20
C ILE A 214 -17.76 -5.35 -4.18
N LEU A 215 -18.37 -6.52 -4.23
CA LEU A 215 -18.13 -7.43 -5.32
C LEU A 215 -19.48 -7.78 -5.87
N ASN A 216 -19.59 -7.96 -7.17
CA ASN A 216 -20.82 -8.05 -7.90
C ASN A 216 -21.19 -9.50 -7.78
N ILE A 217 -22.49 -9.77 -7.74
CA ILE A 217 -23.04 -11.18 -7.44
C ILE A 217 -22.62 -12.25 -8.47
N ASN A 218 -22.30 -11.80 -9.67
CA ASN A 218 -21.89 -12.69 -10.72
C ASN A 218 -20.37 -12.88 -10.81
N HIS A 219 -19.60 -12.43 -9.81
CA HIS A 219 -18.13 -12.53 -9.91
C HIS A 219 -17.85 -13.97 -9.51
N PRO A 220 -16.93 -14.66 -10.20
CA PRO A 220 -16.70 -16.06 -9.75
C PRO A 220 -16.15 -16.31 -8.35
N ASP A 221 -15.67 -15.26 -7.68
CA ASP A 221 -15.20 -15.33 -6.30
C ASP A 221 -16.19 -14.78 -5.27
N ILE A 222 -17.46 -14.54 -5.66
CA ILE A 222 -18.44 -13.95 -4.78
C ILE A 222 -18.61 -14.72 -3.45
N GLU A 223 -18.51 -16.04 -3.50
CA GLU A 223 -18.76 -16.86 -2.30
C GLU A 223 -17.67 -16.67 -1.31
N GLU A 224 -16.46 -16.49 -1.82
CA GLU A 224 -15.27 -16.21 -1.03
C GLU A 224 -15.46 -14.83 -0.34
N PHE A 225 -15.87 -13.84 -1.14
CA PHE A 225 -16.17 -12.49 -0.68
C PHE A 225 -17.21 -12.51 0.44
N ILE A 226 -18.36 -13.11 0.20
CA ILE A 226 -19.43 -13.25 1.21
C ILE A 226 -18.91 -13.71 2.59
N ASP A 227 -17.94 -14.63 2.57
CA ASP A 227 -17.28 -15.13 3.77
C ASP A 227 -16.02 -14.39 4.24
N ALA A 228 -15.59 -13.32 3.55
CA ALA A 228 -14.30 -12.70 3.84
C ALA A 228 -14.12 -12.20 5.28
N LYS A 229 -15.23 -11.94 5.97
CA LYS A 229 -15.20 -11.40 7.34
C LYS A 229 -15.86 -12.37 8.27
N LYS A 230 -15.71 -13.65 7.96
CA LYS A 230 -16.13 -14.77 8.79
C LYS A 230 -15.05 -15.10 9.82
N GLU A 231 -15.49 -15.56 11.00
CA GLU A 231 -14.61 -16.33 11.90
C GLU A 231 -14.79 -17.83 11.70
N VAL A 237 -9.47 -11.65 7.98
CA VAL A 237 -10.55 -10.68 8.18
C VAL A 237 -10.24 -9.25 7.68
N LEU A 238 -11.26 -8.65 7.11
CA LEU A 238 -11.21 -7.33 6.55
C LEU A 238 -11.89 -6.41 7.55
N ASN A 239 -11.27 -6.26 8.70
CA ASN A 239 -11.94 -5.66 9.81
C ASN A 239 -12.19 -4.21 9.56
N PHE A 240 -11.51 -3.64 8.57
CA PHE A 240 -11.71 -2.21 8.27
C PHE A 240 -12.73 -1.96 7.18
N PHE A 241 -13.11 -3.01 6.46
CA PHE A 241 -14.15 -2.89 5.45
C PHE A 241 -15.55 -3.17 5.93
N ASN A 242 -16.48 -2.35 5.46
CA ASN A 242 -17.87 -2.81 5.33
C ASN A 242 -17.94 -3.53 3.95
N LEU A 243 -18.63 -4.67 3.86
CA LEU A 243 -18.77 -5.40 2.58
C LEU A 243 -20.24 -5.38 2.14
N SER A 244 -20.51 -5.06 0.86
CA SER A 244 -21.80 -5.30 0.23
C SER A 244 -21.69 -6.19 -1.01
N VAL A 245 -22.71 -6.99 -1.27
CA VAL A 245 -22.78 -7.69 -2.54
C VAL A 245 -23.43 -6.73 -3.54
N GLY A 246 -22.84 -6.57 -4.73
CA GLY A 246 -23.36 -5.61 -5.68
C GLY A 246 -24.26 -6.27 -6.69
N PHE A 247 -25.38 -5.59 -7.07
CA PHE A 247 -26.28 -5.98 -8.17
C PHE A 247 -26.37 -4.96 -9.29
N PRO A 248 -25.54 -5.07 -10.32
CA PRO A 248 -25.61 -4.02 -11.36
C PRO A 248 -26.84 -4.19 -12.29
N MET A 249 -27.40 -5.40 -12.39
CA MET A 249 -28.63 -5.69 -13.08
C MET A 249 -29.84 -5.16 -12.35
N ASP A 250 -31.00 -5.20 -13.00
CA ASP A 250 -32.25 -4.74 -12.40
C ASP A 250 -32.68 -5.62 -11.22
N LYS A 251 -33.28 -5.02 -10.18
CA LYS A 251 -33.79 -5.78 -9.01
C LYS A 251 -34.90 -6.74 -9.40
N LYS A 252 -35.62 -6.37 -10.46
CA LYS A 252 -36.66 -7.21 -11.10
C LYS A 252 -36.11 -8.53 -11.63
N GLU A 253 -35.08 -8.43 -12.46
CA GLU A 253 -34.42 -9.63 -12.94
C GLU A 253 -34.11 -10.54 -11.80
N ILE A 254 -33.48 -9.97 -10.76
CA ILE A 254 -32.97 -10.75 -9.62
C ILE A 254 -34.14 -11.32 -8.76
N LEU A 255 -35.19 -10.54 -8.58
CA LEU A 255 -36.35 -11.06 -7.83
C LEU A 255 -36.99 -12.24 -8.58
N LYS A 256 -37.25 -12.01 -9.85
CA LYS A 256 -37.76 -13.06 -10.74
C LYS A 256 -36.90 -14.31 -10.72
N LEU A 257 -35.58 -14.16 -10.87
CA LEU A 257 -34.68 -15.30 -10.95
C LEU A 257 -34.79 -16.13 -9.67
N TYR A 258 -34.85 -15.44 -8.53
CA TYR A 258 -35.09 -16.03 -7.19
C TYR A 258 -36.43 -16.82 -7.10
N GLU A 259 -37.52 -16.21 -7.56
CA GLU A 259 -38.86 -16.83 -7.58
C GLU A 259 -38.95 -18.11 -8.43
N GLU A 260 -38.30 -18.08 -9.59
CA GLU A 260 -38.11 -19.26 -10.43
C GLU A 260 -37.14 -20.30 -9.88
N ASP A 261 -36.49 -20.02 -8.75
CA ASP A 261 -35.40 -20.87 -8.28
C ASP A 261 -34.38 -21.07 -9.40
N GLY A 262 -34.01 -19.95 -10.04
CA GLY A 262 -33.04 -19.98 -11.12
C GLY A 262 -31.59 -20.15 -10.68
N GLU A 263 -30.76 -20.35 -11.68
CA GLU A 263 -29.35 -20.40 -11.50
C GLU A 263 -28.71 -19.11 -12.01
N LEU A 264 -27.60 -18.74 -11.40
CA LEU A 264 -26.83 -17.57 -11.80
C LEU A 264 -25.53 -18.01 -12.44
N GLU A 265 -25.14 -17.36 -13.52
CA GLU A 265 -23.81 -17.57 -14.09
C GLU A 265 -22.76 -16.57 -13.56
N LEU A 266 -21.72 -17.14 -12.98
CA LEU A 266 -20.55 -16.44 -12.49
C LEU A 266 -19.49 -16.63 -13.52
N SER A 267 -19.04 -15.51 -14.09
CA SER A 267 -18.07 -15.44 -15.15
C SER A 267 -17.38 -14.11 -14.95
N HIS A 268 -16.25 -13.91 -15.60
CA HIS A 268 -15.52 -12.64 -15.56
C HIS A 268 -15.00 -12.36 -16.95
N PRO A 269 -15.04 -11.09 -17.41
CA PRO A 269 -14.48 -10.77 -18.72
C PRO A 269 -13.07 -11.18 -19.00
N ARG A 270 -12.21 -11.27 -17.98
CA ARG A 270 -10.77 -11.55 -18.18
C ARG A 270 -10.37 -12.84 -17.47
N SER A 271 -11.23 -13.85 -17.59
CA SER A 271 -10.99 -15.19 -17.07
C SER A 271 -11.81 -16.22 -17.83
N THR A 272 -11.34 -17.45 -17.81
CA THR A 272 -12.07 -18.60 -18.38
C THR A 272 -12.96 -19.27 -17.31
N ILE A 273 -12.57 -19.13 -16.04
CA ILE A 273 -13.36 -19.59 -14.88
C ILE A 273 -14.81 -19.07 -14.95
N ARG A 274 -15.74 -19.99 -15.12
CA ARG A 274 -17.15 -19.67 -14.93
C ARG A 274 -17.80 -20.75 -14.09
N LYS A 275 -18.92 -20.41 -13.48
CA LYS A 275 -19.61 -21.31 -12.59
C LYS A 275 -21.09 -20.96 -12.61
N LYS A 276 -21.92 -21.96 -12.35
CA LYS A 276 -23.36 -21.77 -12.20
C LYS A 276 -23.76 -22.09 -10.79
N VAL A 277 -24.46 -21.14 -10.18
CA VAL A 277 -24.92 -21.33 -8.82
C VAL A 277 -26.38 -20.95 -8.74
N LYS A 278 -27.12 -21.72 -7.96
CA LYS A 278 -28.49 -21.40 -7.59
C LYS A 278 -28.56 -20.05 -6.82
N ILE A 279 -29.36 -19.12 -7.32
CA ILE A 279 -29.50 -17.82 -6.67
C ILE A 279 -30.01 -17.94 -5.21
N ARG A 280 -30.99 -18.82 -4.98
CA ARG A 280 -31.48 -19.06 -3.63
C ARG A 280 -30.38 -19.51 -2.72
N GLU A 281 -29.48 -20.34 -3.22
CA GLU A 281 -28.42 -20.83 -2.34
C GLU A 281 -27.41 -19.72 -2.01
N LEU A 282 -27.15 -18.88 -3.02
CA LEU A 282 -26.34 -17.68 -2.88
C LEU A 282 -26.91 -16.70 -1.87
N PHE A 283 -28.16 -16.33 -2.06
CA PHE A 283 -28.84 -15.42 -1.15
C PHE A 283 -28.83 -15.95 0.28
N ARG A 284 -28.89 -17.27 0.42
CA ARG A 284 -28.96 -17.85 1.76
C ARG A 284 -27.61 -17.77 2.51
N LYS A 285 -26.53 -17.95 1.74
CA LYS A 285 -25.16 -17.74 2.17
C LYS A 285 -24.94 -16.32 2.66
N ILE A 286 -25.40 -15.33 1.88
CA ILE A 286 -25.42 -13.94 2.34
C ILE A 286 -26.23 -13.75 3.59
N ALA A 287 -27.49 -14.24 3.58
CA ALA A 287 -28.37 -14.05 4.70
C ALA A 287 -27.79 -14.64 5.94
N THR A 288 -27.16 -15.81 5.82
CA THR A 288 -26.62 -16.47 7.02
C THR A 288 -25.52 -15.64 7.62
N ASN A 289 -24.70 -15.01 6.75
CA ASN A 289 -23.53 -14.30 7.19
C ASN A 289 -23.89 -12.97 7.78
N ALA A 290 -24.82 -12.29 7.12
CA ALA A 290 -25.48 -11.12 7.67
C ALA A 290 -26.17 -11.44 8.98
N TRP A 291 -26.90 -12.57 9.03
CA TRP A 291 -27.52 -13.00 10.27
C TRP A 291 -26.48 -13.18 11.42
N LYS A 292 -25.30 -13.65 11.10
CA LYS A 292 -24.21 -13.81 12.05
C LYS A 292 -23.43 -12.58 12.43
N SER A 293 -23.05 -11.77 11.44
CA SER A 293 -22.12 -10.66 11.69
C SER A 293 -22.59 -9.30 11.22
N GLY A 294 -23.66 -9.26 10.44
CA GLY A 294 -24.06 -8.02 9.83
C GLY A 294 -23.46 -7.73 8.45
N ASP A 295 -22.47 -8.50 7.99
CA ASP A 295 -21.92 -8.35 6.65
C ASP A 295 -22.18 -9.67 5.83
N PRO A 296 -22.38 -9.60 4.51
CA PRO A 296 -22.35 -8.40 3.69
C PRO A 296 -23.76 -7.77 3.56
N GLY A 297 -23.81 -6.47 3.25
CA GLY A 297 -25.06 -5.84 2.84
C GLY A 297 -25.30 -6.09 1.39
N LEU A 298 -26.41 -5.54 0.83
CA LEU A 298 -26.73 -5.68 -0.61
C LEU A 298 -26.65 -4.22 -1.19
N ALA A 299 -26.14 -4.10 -2.39
CA ALA A 299 -25.93 -2.78 -3.07
C ALA A 299 -26.63 -2.88 -4.45
N PHE A 300 -27.81 -2.30 -4.57
CA PHE A 300 -28.58 -2.41 -5.80
C PHE A 300 -28.09 -1.31 -6.73
N LEU A 301 -26.95 -1.57 -7.36
CA LEU A 301 -26.34 -0.55 -8.22
C LEU A 301 -27.11 -0.27 -9.46
N GLY A 302 -27.73 -1.33 -10.00
CA GLY A 302 -28.71 -1.21 -11.10
C GLY A 302 -29.73 -0.14 -10.82
N GLU A 303 -30.33 -0.27 -9.68
CA GLU A 303 -31.33 0.70 -9.21
C GLU A 303 -30.77 2.09 -8.96
N MET A 304 -29.46 2.24 -8.72
CA MET A 304 -28.86 3.61 -8.56
C MET A 304 -28.62 4.24 -9.94
N ASN A 305 -28.30 3.38 -10.88
CA ASN A 305 -28.04 3.81 -12.23
C ASN A 305 -29.26 4.24 -13.00
N LYS A 306 -30.39 3.66 -12.63
CA LYS A 306 -31.72 4.02 -13.05
C LYS A 306 -32.06 5.45 -12.81
N TYR A 307 -31.61 5.98 -11.69
CA TYR A 307 -31.90 7.36 -11.32
C TYR A 307 -30.74 8.34 -11.44
N TYR A 308 -29.59 7.82 -11.90
CA TYR A 308 -28.37 8.61 -12.11
C TYR A 308 -28.54 9.50 -13.37
N PRO A 309 -28.54 10.82 -13.23
CA PRO A 309 -28.70 11.73 -14.43
C PRO A 309 -27.70 11.49 -15.54
N LEU A 310 -26.53 10.96 -15.22
CA LEU A 310 -25.47 10.89 -16.23
C LEU A 310 -25.30 9.54 -16.85
N TYR A 311 -26.09 8.55 -16.39
CA TYR A 311 -25.89 7.18 -16.85
C TYR A 311 -26.46 7.06 -18.26
N PRO A 312 -25.82 6.28 -19.18
CA PRO A 312 -24.65 5.42 -19.08
C PRO A 312 -23.34 6.12 -19.37
N HIS A 313 -23.38 7.41 -19.66
CA HIS A 313 -22.14 8.17 -19.92
C HIS A 313 -21.24 7.94 -18.71
N ARG A 314 -21.75 8.25 -17.53
CA ARG A 314 -21.08 7.86 -16.32
C ARG A 314 -21.85 6.73 -15.61
N LYS A 315 -21.14 6.01 -14.78
CA LYS A 315 -21.68 4.84 -14.12
C LYS A 315 -21.31 4.87 -12.63
N ILE A 316 -22.27 4.44 -11.82
CA ILE A 316 -22.12 4.14 -10.43
C ILE A 316 -21.80 2.63 -10.22
N ASN A 317 -20.66 2.34 -9.59
CA ASN A 317 -20.15 1.01 -9.38
C ASN A 317 -19.99 0.60 -7.91
N SER A 318 -20.09 1.60 -7.04
CA SER A 318 -19.86 1.51 -5.62
C SER A 318 -20.48 2.70 -4.93
N THR A 319 -20.54 2.59 -3.62
CA THR A 319 -20.91 3.64 -2.73
C THR A 319 -19.74 3.81 -1.80
N ASN A 320 -19.81 4.89 -1.04
CA ASN A 320 -19.00 5.15 0.12
C ASN A 320 -19.27 4.09 1.26
N PRO A 321 -18.52 4.16 2.36
CA PRO A 321 -18.61 3.29 3.55
C PRO A 321 -20.01 2.97 4.11
N CYS A 322 -20.85 4.00 4.27
CA CYS A 322 -22.14 3.84 4.87
C CYS A 322 -23.27 3.72 3.89
N GLY A 323 -22.98 3.81 2.60
CA GLY A 323 -23.90 3.42 1.57
C GLY A 323 -24.77 4.54 1.01
N GLU A 324 -24.79 5.72 1.61
CA GLU A 324 -25.85 6.71 1.26
C GLU A 324 -25.53 7.48 -0.05
N ILE A 325 -24.33 7.26 -0.59
CA ILE A 325 -23.92 7.92 -1.85
C ILE A 325 -23.37 6.90 -2.82
N GLY A 326 -24.13 6.66 -3.89
CA GLY A 326 -23.60 6.02 -5.10
C GLY A 326 -22.81 7.12 -5.82
N LEU A 327 -21.57 6.81 -6.21
CA LEU A 327 -20.61 7.81 -6.73
C LEU A 327 -20.04 7.13 -7.95
N SER A 328 -19.81 7.90 -9.02
CA SER A 328 -19.07 7.36 -10.15
C SER A 328 -17.57 7.38 -9.82
N ASP A 329 -16.71 6.83 -10.69
CA ASP A 329 -15.25 6.71 -10.40
C ASP A 329 -14.59 8.05 -10.13
N TYR A 330 -13.86 8.17 -9.00
CA TYR A 330 -13.20 9.43 -8.56
C TYR A 330 -14.13 10.50 -8.06
N GLU A 331 -15.41 10.19 -7.87
CA GLU A 331 -16.33 11.26 -7.46
C GLU A 331 -16.32 11.39 -5.92
N ALA A 332 -16.47 12.61 -5.42
CA ALA A 332 -16.66 12.82 -4.01
C ALA A 332 -17.99 13.50 -3.77
N CYS A 333 -18.40 13.54 -2.51
CA CYS A 333 -19.65 14.15 -2.15
C CYS A 333 -19.53 14.75 -0.77
N ASN A 334 -19.81 16.05 -0.65
CA ASN A 334 -19.94 16.65 0.70
C ASN A 334 -21.42 16.68 1.15
N LEU A 335 -21.63 16.16 2.38
CA LEU A 335 -22.88 16.08 3.07
C LEU A 335 -23.09 17.14 4.17
N GLY A 336 -24.36 17.50 4.42
CA GLY A 336 -24.78 18.29 5.59
C GLY A 336 -26.23 17.94 5.95
N SER A 337 -26.59 18.06 7.23
CA SER A 337 -27.89 17.62 7.74
C SER A 337 -28.60 18.68 8.56
N ILE A 338 -29.87 18.87 8.25
CA ILE A 338 -30.80 19.74 9.01
C ILE A 338 -31.43 19.01 10.20
N ASP A 339 -31.39 19.58 11.42
CA ASP A 339 -32.07 18.99 12.58
C ASP A 339 -33.58 19.25 12.58
N VAL A 340 -34.35 18.27 12.12
CA VAL A 340 -35.82 18.43 12.01
C VAL A 340 -36.59 18.52 13.32
N ALA A 341 -36.07 17.88 14.38
CA ALA A 341 -36.60 18.09 15.72
C ALA A 341 -36.81 19.57 16.11
N LYS A 342 -35.92 20.47 15.67
CA LYS A 342 -35.93 21.92 16.01
C LYS A 342 -37.02 22.70 15.29
N PHE A 343 -37.58 22.11 14.23
CA PHE A 343 -38.65 22.68 13.43
C PHE A 343 -40.06 22.28 13.88
N TYR A 344 -40.17 21.69 15.08
CA TYR A 344 -41.47 21.44 15.68
C TYR A 344 -42.05 22.77 16.23
N ASN A 345 -43.23 23.12 15.72
CA ASN A 345 -44.02 24.31 16.09
C ASN A 345 -45.52 23.95 16.28
N ASN A 346 -45.86 23.66 17.54
CA ASN A 346 -47.24 23.40 17.98
C ASN A 346 -47.94 22.26 17.21
N GLY A 347 -47.43 21.04 17.35
CA GLY A 347 -47.96 19.86 16.61
C GLY A 347 -47.86 19.91 15.09
N PHE A 348 -47.13 20.89 14.56
CA PHE A 348 -46.83 20.98 13.12
C PHE A 348 -45.35 21.24 12.84
N VAL A 349 -44.90 20.82 11.65
CA VAL A 349 -43.54 21.10 11.22
C VAL A 349 -43.46 22.48 10.53
N ASP A 350 -42.72 23.41 11.12
CA ASP A 350 -42.70 24.73 10.53
C ASP A 350 -42.08 24.74 9.12
N LEU A 351 -42.91 24.54 8.12
CA LEU A 351 -42.45 24.45 6.76
C LEU A 351 -41.89 25.77 6.27
N GLU A 352 -42.35 26.89 6.83
CA GLU A 352 -41.91 28.19 6.31
C GLU A 352 -40.44 28.39 6.62
N ALA A 353 -40.07 28.09 7.85
CA ALA A 353 -38.74 28.25 8.36
C ALA A 353 -37.84 27.20 7.70
N LEU A 354 -38.37 25.97 7.59
CA LEU A 354 -37.68 24.86 6.93
C LEU A 354 -37.30 25.14 5.48
N GLN A 355 -38.19 25.75 4.71
CA GLN A 355 -37.84 26.06 3.32
C GLN A 355 -36.69 27.10 3.23
N GLU A 356 -36.65 28.07 4.13
CA GLU A 356 -35.56 29.03 4.08
C GLU A 356 -34.27 28.28 4.39
N LEU A 357 -34.30 27.35 5.36
CA LEU A 357 -33.09 26.60 5.75
C LEU A 357 -32.55 25.67 4.68
N VAL A 358 -33.43 25.11 3.86
CA VAL A 358 -33.04 24.29 2.70
C VAL A 358 -32.36 25.13 1.62
N GLN A 359 -32.90 26.33 1.41
CA GLN A 359 -32.32 27.27 0.46
C GLN A 359 -30.90 27.61 0.85
N ILE A 360 -30.72 28.02 2.11
CA ILE A 360 -29.44 28.29 2.74
C ILE A 360 -28.47 27.12 2.78
N ALA A 361 -28.96 25.95 3.14
CA ALA A 361 -28.12 24.76 3.24
C ALA A 361 -27.68 24.19 1.89
N VAL A 362 -28.50 24.33 0.87
CA VAL A 362 -28.07 23.89 -0.47
C VAL A 362 -26.93 24.80 -0.94
N ARG A 363 -27.02 26.10 -0.62
CA ARG A 363 -26.02 27.07 -1.08
C ARG A 363 -24.71 26.85 -0.32
N PHE A 364 -24.82 26.49 0.96
CA PHE A 364 -23.66 26.29 1.82
C PHE A 364 -22.90 25.12 1.24
N LEU A 365 -23.61 24.05 0.91
CA LEU A 365 -23.01 22.80 0.53
C LEU A 365 -22.45 22.95 -0.86
N ASP A 366 -23.02 23.86 -1.62
CA ASP A 366 -22.47 24.07 -2.93
C ASP A 366 -21.25 25.00 -2.74
N ASN A 367 -21.22 25.79 -1.68
CA ASN A 367 -20.01 26.60 -1.44
C ASN A 367 -18.83 25.78 -0.96
N VAL A 368 -19.10 24.70 -0.22
CA VAL A 368 -18.06 23.74 0.22
C VAL A 368 -17.28 23.24 -0.95
N ILE A 369 -17.94 22.99 -2.08
CA ILE A 369 -17.25 22.45 -3.22
C ILE A 369 -16.15 23.44 -3.74
N ASP A 370 -16.36 24.72 -3.48
CA ASP A 370 -15.46 25.74 -4.07
C ASP A 370 -14.26 25.96 -3.18
N VAL A 371 -14.44 25.82 -1.88
CA VAL A 371 -13.30 25.89 -0.95
C VAL A 371 -12.69 24.51 -0.61
N ASN A 372 -13.08 23.48 -1.34
CA ASN A 372 -12.69 22.12 -0.99
C ASN A 372 -11.38 21.69 -1.64
N VAL A 373 -10.40 21.16 -0.89
CA VAL A 373 -9.22 20.61 -1.58
C VAL A 373 -9.14 19.05 -1.52
N PHE A 374 -9.03 18.40 -2.66
CA PHE A 374 -8.89 16.95 -2.77
C PHE A 374 -7.47 16.49 -3.06
N PRO A 375 -7.07 15.29 -2.60
CA PRO A 375 -5.67 14.86 -2.67
C PRO A 375 -5.24 14.39 -4.06
N ILE A 376 -6.19 14.39 -5.00
CA ILE A 376 -6.01 13.67 -6.26
C ILE A 376 -6.74 14.48 -7.32
N ASP A 377 -6.07 14.75 -8.44
CA ASP A 377 -6.65 15.58 -9.54
C ASP A 377 -7.91 15.04 -10.22
N LYS A 378 -8.03 13.73 -10.33
CA LYS A 378 -9.14 13.12 -11.02
C LYS A 378 -10.41 13.33 -10.20
N ILE A 379 -10.20 13.60 -8.92
CA ILE A 379 -11.30 13.76 -7.95
C ILE A 379 -11.84 15.17 -8.01
N THR A 380 -10.93 16.12 -7.95
CA THR A 380 -11.24 17.52 -8.22
C THR A 380 -12.02 17.64 -9.53
N LYS A 381 -11.45 17.15 -10.61
CA LYS A 381 -12.14 17.19 -11.86
C LYS A 381 -13.57 16.59 -11.78
N ALA A 382 -13.66 15.31 -11.45
CA ALA A 382 -14.97 14.65 -11.36
C ALA A 382 -15.97 15.48 -10.58
N VAL A 383 -15.55 15.95 -9.41
CA VAL A 383 -16.37 16.79 -8.50
C VAL A 383 -16.78 18.13 -9.10
N LYS A 384 -15.84 18.81 -9.75
CA LYS A 384 -16.14 20.04 -10.50
C LYS A 384 -17.11 19.79 -11.64
N GLU A 385 -17.06 18.60 -12.23
CA GLU A 385 -17.92 18.26 -13.37
C GLU A 385 -19.39 18.13 -12.97
N SER A 386 -19.64 17.47 -11.83
CA SER A 386 -20.99 17.01 -11.41
C SER A 386 -21.65 17.84 -10.29
N ARG A 387 -20.85 18.28 -9.32
CA ARG A 387 -21.27 19.07 -8.14
C ARG A 387 -22.36 18.36 -7.30
N ARG A 388 -22.22 17.03 -7.11
CA ARG A 388 -23.20 16.22 -6.33
C ARG A 388 -23.17 16.75 -4.93
N LEU A 389 -24.34 17.14 -4.38
CA LEU A 389 -24.48 17.43 -2.94
C LEU A 389 -25.18 16.25 -2.24
N GLY A 390 -25.06 16.17 -0.91
CA GLY A 390 -25.82 15.27 0.00
C GLY A 390 -26.45 16.01 1.19
N LEU A 391 -27.50 16.80 0.94
CA LEU A 391 -28.27 17.39 2.03
C LEU A 391 -29.26 16.37 2.62
N GLY A 392 -29.23 16.22 3.95
CA GLY A 392 -30.14 15.24 4.59
C GLY A 392 -30.77 15.81 5.83
N ILE A 393 -31.32 14.94 6.66
CA ILE A 393 -31.90 15.36 7.88
C ILE A 393 -31.43 14.52 9.04
N MET A 394 -31.51 15.10 10.24
CA MET A 394 -31.31 14.37 11.47
C MET A 394 -32.47 14.67 12.43
N GLY A 395 -32.47 13.98 13.57
CA GLY A 395 -33.52 14.17 14.58
C GLY A 395 -34.94 13.85 14.13
N PHE A 396 -35.11 13.01 13.10
CA PHE A 396 -36.45 12.67 12.60
C PHE A 396 -37.24 11.85 13.64
N ALA A 397 -36.56 10.95 14.35
CA ALA A 397 -37.23 10.10 15.35
C ALA A 397 -37.74 10.94 16.51
N ASP A 398 -36.88 11.81 17.02
CA ASP A 398 -37.21 12.81 18.01
C ASP A 398 -38.31 13.78 17.52
N LEU A 399 -38.36 14.08 16.24
CA LEU A 399 -39.49 14.86 15.69
C LEU A 399 -40.80 14.08 15.79
N LEU A 400 -40.75 12.76 15.55
CA LEU A 400 -41.96 11.93 15.62
C LEU A 400 -42.48 11.89 17.03
N TYR A 401 -41.58 11.81 17.98
CA TYR A 401 -41.88 11.87 19.41
C TYR A 401 -42.70 13.10 19.83
N LYS A 402 -42.25 14.29 19.41
CA LYS A 402 -42.95 15.56 19.59
C LYS A 402 -44.33 15.52 18.96
N LEU A 403 -44.41 15.09 17.70
CA LEU A 403 -45.68 15.03 16.98
C LEU A 403 -46.54 13.88 17.50
N GLU A 404 -45.96 13.09 18.41
CA GLU A 404 -46.62 11.91 18.96
C GLU A 404 -47.06 10.99 17.84
N ILE A 405 -46.07 10.54 17.07
CA ILE A 405 -46.29 9.58 15.99
C ILE A 405 -45.40 8.34 16.26
N PRO A 406 -45.98 7.13 16.21
CA PRO A 406 -45.10 5.95 16.39
C PRO A 406 -44.29 5.75 15.11
N TYR A 407 -42.99 5.50 15.25
CA TYR A 407 -42.10 5.25 14.11
C TYR A 407 -42.66 4.11 13.21
N ASN A 408 -43.07 3.03 13.89
CA ASN A 408 -43.59 1.85 13.24
C ASN A 408 -45.08 1.98 12.96
N SER A 409 -45.44 2.81 11.99
CA SER A 409 -46.82 3.06 11.61
C SER A 409 -46.84 3.66 10.21
N GLN A 410 -47.91 3.41 9.48
CA GLN A 410 -48.10 4.06 8.19
C GLN A 410 -48.15 5.57 8.34
N GLU A 411 -48.58 6.06 9.48
CA GLU A 411 -48.67 7.48 9.71
C GLU A 411 -47.28 8.14 9.59
N ALA A 412 -46.30 7.56 10.30
CA ALA A 412 -44.88 7.99 10.31
C ALA A 412 -44.27 7.96 8.94
N ARG A 413 -44.49 6.86 8.22
CA ARG A 413 -44.02 6.66 6.82
C ARG A 413 -44.59 7.70 5.87
N ASP A 414 -45.89 7.96 5.96
CA ASP A 414 -46.52 9.01 5.13
C ASP A 414 -46.04 10.41 5.43
N PHE A 415 -45.87 10.75 6.70
CA PHE A 415 -45.30 12.02 7.10
C PHE A 415 -43.84 12.15 6.59
N ALA A 416 -43.09 11.06 6.70
CA ALA A 416 -41.70 11.03 6.28
C ALA A 416 -41.58 11.30 4.78
N ALA A 417 -42.46 10.72 3.96
CA ALA A 417 -42.41 10.94 2.51
C ALA A 417 -42.73 12.38 2.16
N ASN A 418 -43.73 12.95 2.83
CA ASN A 418 -44.11 14.35 2.62
C ASN A 418 -42.99 15.34 2.95
N LEU A 419 -42.42 15.22 4.16
CA LEU A 419 -41.23 15.96 4.64
C LEU A 419 -40.11 15.90 3.62
N MET A 420 -39.70 14.67 3.28
CA MET A 420 -38.63 14.48 2.32
C MET A 420 -38.98 15.08 0.99
N ALA A 421 -40.21 14.84 0.54
CA ALA A 421 -40.73 15.40 -0.75
C ALA A 421 -40.68 16.95 -0.79
N PHE A 422 -41.11 17.57 0.32
CA PHE A 422 -41.00 19.01 0.52
C PHE A 422 -39.54 19.48 0.42
N ILE A 423 -38.67 18.83 1.19
CA ILE A 423 -37.21 19.18 1.23
C ILE A 423 -36.61 19.07 -0.16
N ALA A 424 -36.89 17.95 -0.82
CA ALA A 424 -36.41 17.68 -2.16
C ALA A 424 -36.87 18.71 -3.16
N LEU A 425 -38.14 19.11 -3.05
CA LEU A 425 -38.69 20.19 -3.87
C LEU A 425 -37.86 21.48 -3.81
N HIS A 426 -37.66 22.01 -2.62
CA HIS A 426 -37.01 23.32 -2.51
C HIS A 426 -35.50 23.23 -2.62
N ALA A 427 -34.97 22.02 -2.46
CA ALA A 427 -33.56 21.77 -2.68
C ALA A 427 -33.22 21.83 -4.13
N HIS A 428 -34.01 21.17 -4.97
CA HIS A 428 -33.73 21.23 -6.41
C HIS A 428 -34.06 22.62 -7.04
N ARG A 429 -35.05 23.30 -6.45
CA ARG A 429 -35.44 24.63 -6.87
C ARG A 429 -34.30 25.62 -6.54
N THR A 430 -33.66 25.46 -5.39
CA THR A 430 -32.43 26.19 -5.07
C THR A 430 -31.31 25.90 -6.09
N SER A 431 -31.12 24.64 -6.50
CA SER A 431 -30.14 24.29 -7.53
C SER A 431 -30.41 24.95 -8.88
N TYR A 432 -31.69 25.02 -9.20
CA TYR A 432 -32.19 25.87 -10.27
C TYR A 432 -31.65 27.33 -10.17
N GLU A 433 -32.06 28.04 -9.12
CA GLU A 433 -31.67 29.41 -8.82
C GLU A 433 -30.17 29.58 -8.88
N LEU A 434 -29.46 28.72 -8.15
CA LEU A 434 -27.98 28.68 -8.18
C LEU A 434 -27.38 28.47 -9.56
N GLY A 435 -28.03 27.64 -10.38
CA GLY A 435 -27.55 27.38 -11.75
C GLY A 435 -27.66 28.63 -12.66
N LYS A 436 -28.75 29.37 -12.53
CA LYS A 436 -28.91 30.71 -13.12
C LYS A 436 -27.86 31.69 -12.59
N GLU A 437 -27.63 31.62 -11.29
CA GLU A 437 -26.81 32.60 -10.62
C GLU A 437 -25.32 32.44 -10.82
N LYS A 438 -24.87 31.19 -11.01
CA LYS A 438 -23.44 30.88 -10.90
C LYS A 438 -22.92 30.03 -12.02
N GLY A 439 -23.81 29.42 -12.78
CA GLY A 439 -23.39 28.49 -13.82
C GLY A 439 -23.93 27.12 -13.54
N ASN A 440 -24.18 26.37 -14.60
CA ASN A 440 -24.71 25.03 -14.51
C ASN A 440 -23.59 24.02 -14.25
N PHE A 441 -23.87 22.84 -13.70
CA PHE A 441 -22.74 21.89 -13.57
C PHE A 441 -22.30 21.52 -14.99
N PRO A 442 -20.97 21.53 -15.25
CA PRO A 442 -20.49 21.39 -16.64
C PRO A 442 -21.15 20.28 -17.44
N LEU A 443 -21.69 19.27 -16.76
CA LEU A 443 -22.22 18.14 -17.50
C LEU A 443 -23.73 18.19 -17.62
N LEU A 444 -24.37 19.30 -17.21
CA LEU A 444 -25.83 19.44 -17.36
C LEU A 444 -26.23 18.97 -18.74
N GLU A 445 -25.48 19.45 -19.74
CA GLU A 445 -25.77 19.30 -21.16
C GLU A 445 -26.00 17.88 -21.62
N ILE A 446 -25.21 16.93 -21.12
CA ILE A 446 -25.29 15.51 -21.51
C ILE A 446 -26.07 14.63 -20.49
N SER A 447 -26.63 15.29 -19.47
CA SER A 447 -27.40 14.61 -18.44
C SER A 447 -28.84 14.44 -18.85
N ARG A 448 -29.49 13.47 -18.22
CA ARG A 448 -30.89 13.16 -18.45
C ARG A 448 -31.86 14.25 -18.07
N TYR A 449 -31.40 15.28 -17.36
CA TYR A 449 -32.23 16.48 -17.13
C TYR A 449 -32.46 17.22 -18.45
N ARG A 450 -31.52 17.01 -19.39
CA ARG A 450 -31.52 17.63 -20.72
C ARG A 450 -32.01 16.63 -21.80
N THR A 451 -31.37 15.48 -21.90
CA THR A 451 -31.67 14.57 -23.00
C THR A 451 -33.00 13.81 -22.87
N GLU A 452 -33.82 14.19 -21.88
CA GLU A 452 -35.11 13.50 -21.67
C GLU A 452 -36.25 14.46 -21.28
N ASP A 453 -37.48 13.96 -21.47
CA ASP A 453 -38.66 14.55 -20.86
C ASP A 453 -38.99 13.64 -19.69
N ASN A 454 -39.40 14.25 -18.57
CA ASN A 454 -39.96 13.55 -17.40
C ASN A 454 -38.96 12.72 -16.59
N PHE A 455 -37.66 12.99 -16.76
CA PHE A 455 -36.64 12.41 -15.86
C PHE A 455 -36.83 12.97 -14.45
N VAL A 456 -37.04 12.08 -13.50
CA VAL A 456 -37.02 12.37 -12.05
C VAL A 456 -35.96 11.42 -11.39
N PRO A 457 -35.03 11.96 -10.58
CA PRO A 457 -33.99 11.12 -10.03
C PRO A 457 -34.42 10.33 -8.78
N PHE A 458 -35.72 10.06 -8.61
CA PHE A 458 -36.23 9.14 -7.55
C PHE A 458 -37.67 8.64 -7.86
N ALA A 459 -38.14 7.61 -7.13
CA ALA A 459 -39.40 6.97 -7.51
C ALA A 459 -40.69 7.76 -7.25
N MET A 460 -40.69 8.61 -6.24
CA MET A 460 -41.91 9.31 -5.81
C MET A 460 -43.07 8.35 -5.49
N GLY A 461 -44.33 8.80 -5.69
CA GLY A 461 -45.52 7.97 -5.43
C GLY A 461 -46.03 7.95 -3.99
N MET A 462 -45.61 8.89 -3.16
CA MET A 462 -46.13 8.96 -1.80
C MET A 462 -46.32 10.40 -1.29
N SER A 463 -46.63 11.34 -2.19
CA SER A 463 -46.81 12.71 -1.69
C SER A 463 -47.67 13.57 -2.62
N ASN A 464 -48.40 14.50 -2.01
CA ASN A 464 -49.14 15.50 -2.73
C ASN A 464 -48.19 16.31 -3.61
N TYR A 465 -46.90 16.33 -3.25
CA TYR A 465 -45.91 17.26 -3.85
C TYR A 465 -45.37 16.84 -5.21
N ASP A 466 -45.67 15.61 -5.65
CA ASP A 466 -45.06 15.03 -6.88
C ASP A 466 -45.21 15.88 -8.09
N ASP A 467 -46.37 16.52 -8.22
CA ASP A 467 -46.70 17.18 -9.47
C ASP A 467 -45.76 18.35 -9.65
N GLU A 468 -45.61 19.09 -8.55
CA GLU A 468 -44.69 20.21 -8.40
C GLU A 468 -43.22 19.82 -8.56
N ILE A 469 -42.81 18.69 -7.96
CA ILE A 469 -41.43 18.16 -8.15
C ILE A 469 -41.14 18.02 -9.65
N ARG A 470 -42.08 17.41 -10.39
CA ARG A 470 -41.97 17.23 -11.84
C ARG A 470 -41.81 18.57 -12.61
N GLU A 471 -42.66 19.53 -12.29
CA GLU A 471 -42.54 20.94 -12.70
C GLU A 471 -41.08 21.38 -12.57
N VAL A 472 -40.54 21.23 -11.36
CA VAL A 472 -39.20 21.72 -11.05
C VAL A 472 -38.10 20.98 -11.80
N MET A 473 -38.29 19.68 -11.99
CA MET A 473 -37.30 18.88 -12.70
C MET A 473 -37.25 19.25 -14.18
N LYS A 474 -38.41 19.56 -14.75
CA LYS A 474 -38.53 20.05 -16.14
C LYS A 474 -37.86 21.43 -16.29
N MET A 475 -38.03 22.26 -15.27
CA MET A 475 -37.38 23.55 -15.18
C MET A 475 -35.85 23.43 -15.25
N THR A 476 -35.29 22.40 -14.57
CA THR A 476 -33.82 22.23 -14.48
C THR A 476 -33.18 21.61 -15.72
N LYS A 477 -33.92 21.55 -16.83
CA LYS A 477 -33.37 21.23 -18.14
C LYS A 477 -32.56 22.43 -18.60
N GLU A 478 -32.89 23.58 -18.01
CA GLU A 478 -32.27 24.87 -18.34
C GLU A 478 -31.19 25.31 -17.34
N PHE A 479 -31.56 25.28 -16.06
CA PHE A 479 -30.73 25.77 -14.99
C PHE A 479 -30.65 24.74 -13.86
N ARG A 480 -29.42 24.30 -13.59
CA ARG A 480 -29.10 23.29 -12.62
C ARG A 480 -27.64 23.33 -12.19
N ARG A 481 -27.41 23.75 -10.95
CA ARG A 481 -26.09 23.78 -10.34
C ARG A 481 -25.49 22.41 -10.00
N ASN A 482 -26.36 21.43 -9.66
CA ASN A 482 -25.93 20.13 -9.12
C ASN A 482 -26.65 18.91 -9.68
N VAL A 483 -25.92 17.83 -9.84
CA VAL A 483 -26.43 16.67 -10.48
C VAL A 483 -27.44 15.93 -9.57
N ALA A 484 -27.17 15.91 -8.25
CA ALA A 484 -28.09 15.34 -7.28
C ALA A 484 -27.78 16.15 -6.01
N LEU A 485 -28.66 16.09 -5.01
CA LEU A 485 -28.65 17.07 -3.90
C LEU A 485 -28.88 16.51 -2.52
N LEU A 486 -29.44 15.28 -2.44
CA LEU A 486 -29.96 14.75 -1.15
C LEU A 486 -29.52 13.35 -0.79
N THR A 487 -29.43 13.12 0.50
CA THR A 487 -29.07 11.84 1.04
C THR A 487 -29.63 11.78 2.45
N ILE A 488 -29.75 10.61 3.05
CA ILE A 488 -29.79 10.54 4.51
C ILE A 488 -28.59 9.72 4.97
N ALA A 489 -27.80 10.33 5.84
CA ALA A 489 -26.48 9.87 6.32
C ALA A 489 -26.67 9.28 7.71
N PRO A 490 -25.67 8.50 8.22
CA PRO A 490 -25.85 7.98 9.59
C PRO A 490 -25.86 9.13 10.61
N THR A 491 -25.14 10.23 10.33
CA THR A 491 -24.94 11.34 11.30
C THR A 491 -24.46 10.91 12.69
N GLY A 492 -23.68 9.85 12.73
CA GLY A 492 -23.12 9.32 13.95
C GLY A 492 -22.53 10.40 14.88
N SER A 493 -21.70 11.30 14.34
CA SER A 493 -21.13 12.39 15.09
C SER A 493 -21.97 13.68 15.14
N ILE A 494 -22.43 14.18 14.00
CA ILE A 494 -23.09 15.47 14.00
C ILE A 494 -24.42 15.48 14.73
N SER A 495 -25.09 14.33 14.83
CA SER A 495 -26.33 14.26 15.61
C SER A 495 -25.98 14.28 17.10
N ASN A 496 -24.83 13.77 17.48
CA ASN A 496 -24.43 13.98 18.85
C ASN A 496 -24.07 15.41 19.22
N ILE A 497 -23.48 16.14 18.28
CA ILE A 497 -23.18 17.57 18.45
C ILE A 497 -24.45 18.33 18.61
N ALA A 498 -25.41 18.10 17.72
CA ALA A 498 -26.74 18.76 17.77
C ALA A 498 -27.67 18.20 18.82
N ASP A 499 -27.25 17.20 19.57
CA ASP A 499 -28.09 16.68 20.68
C ASP A 499 -29.44 16.29 20.15
N THR A 500 -29.46 15.29 19.28
CA THR A 500 -30.63 14.93 18.56
C THR A 500 -30.43 13.53 17.98
N SER A 501 -31.47 13.00 17.42
CA SER A 501 -31.47 11.59 17.03
C SER A 501 -30.86 11.51 15.64
N SER A 502 -30.20 10.40 15.35
CA SER A 502 -29.36 10.23 14.20
C SER A 502 -30.16 9.94 12.98
N GLY A 503 -29.84 10.62 11.89
CA GLY A 503 -30.46 10.45 10.59
C GLY A 503 -31.95 10.32 10.59
N LEU A 504 -32.45 9.31 9.85
CA LEU A 504 -33.86 8.90 9.92
C LEU A 504 -34.05 7.77 10.97
N GLU A 505 -32.98 7.36 11.62
CA GLU A 505 -33.06 6.22 12.48
C GLU A 505 -33.88 6.51 13.74
N PRO A 506 -34.64 5.49 14.22
CA PRO A 506 -35.33 5.56 15.51
C PRO A 506 -34.27 5.63 16.62
N ASN A 507 -34.62 6.11 17.82
CA ASN A 507 -33.67 6.08 18.92
C ASN A 507 -33.35 4.64 19.32
N PHE A 508 -32.09 4.34 19.51
CA PHE A 508 -31.78 2.99 19.87
C PHE A 508 -32.25 2.70 21.28
N LEU A 509 -31.88 3.60 22.21
CA LEU A 509 -32.33 3.58 23.58
C LEU A 509 -32.98 4.92 23.97
N LEU A 510 -33.97 4.90 24.88
CA LEU A 510 -34.54 6.13 25.52
C LEU A 510 -33.78 6.62 26.76
N ALA A 511 -33.05 5.70 27.40
CA ALA A 511 -32.27 6.02 28.58
C ALA A 511 -31.06 5.10 28.74
N TYR A 512 -29.97 5.70 29.16
CA TYR A 512 -28.74 4.96 29.43
C TYR A 512 -27.81 5.75 30.34
N THR A 513 -26.59 5.23 30.50
CA THR A 513 -25.52 5.96 31.18
C THR A 513 -24.33 6.13 30.25
N ARG A 514 -23.67 7.28 30.35
CA ARG A 514 -22.30 7.41 29.84
C ARG A 514 -21.45 7.98 30.99
N PHE A 515 -20.69 7.10 31.66
CA PHE A 515 -19.94 7.48 32.87
C PHE A 515 -19.03 8.71 32.63
N VAL A 516 -18.95 9.58 33.65
CA VAL A 516 -18.33 10.92 33.50
C VAL A 516 -16.83 10.96 33.11
N THR A 517 -16.02 10.05 33.68
CA THR A 517 -14.54 10.14 33.63
C THR A 517 -14.04 11.55 33.97
N LYS A 518 -14.46 12.03 35.13
CA LYS A 518 -14.17 13.37 35.61
C LYS A 518 -12.74 13.48 36.15
N ASP A 519 -11.95 12.41 35.99
CA ASP A 519 -10.62 12.26 36.61
C ASP A 519 -10.66 12.83 38.03
N ASP A 520 -9.54 13.35 38.51
CA ASP A 520 -9.51 14.04 39.80
C ASP A 520 -10.52 13.39 40.77
N GLY A 521 -10.27 12.11 41.05
CA GLY A 521 -11.22 11.27 41.80
C GLY A 521 -12.30 10.69 40.90
N THR A 522 -11.87 10.04 39.81
CA THR A 522 -12.76 9.60 38.72
C THR A 522 -13.87 8.65 39.21
N LYS A 523 -15.11 8.94 38.79
CA LYS A 523 -16.30 8.09 39.09
C LYS A 523 -17.54 8.47 38.24
N GLU A 524 -18.64 8.78 38.96
CA GLU A 524 -19.89 9.42 38.44
C GLU A 524 -20.56 8.81 37.20
N PRO A 525 -21.64 8.04 37.43
CA PRO A 525 -22.52 7.62 36.34
C PRO A 525 -23.59 8.68 36.01
N LEU A 526 -23.43 9.37 34.89
CA LEU A 526 -24.42 10.35 34.44
C LEU A 526 -25.50 9.65 33.61
N LEU A 527 -26.71 9.61 34.18
CA LEU A 527 -27.88 8.96 33.56
C LEU A 527 -28.59 9.89 32.58
N TYR A 528 -28.65 9.46 31.31
CA TYR A 528 -29.35 10.20 30.25
C TYR A 528 -30.75 9.66 30.06
N VAL A 529 -31.71 10.58 29.92
CA VAL A 529 -33.03 10.25 29.47
C VAL A 529 -33.36 11.19 28.32
N ASN A 530 -33.95 10.61 27.27
CA ASN A 530 -34.45 11.36 26.14
C ASN A 530 -35.15 12.64 26.58
N GLN A 531 -34.68 13.77 26.06
CA GLN A 531 -35.25 15.09 26.41
C GLN A 531 -36.73 15.22 26.10
N VAL A 532 -37.22 14.52 25.08
CA VAL A 532 -38.64 14.58 24.74
C VAL A 532 -39.44 13.65 25.69
N LEU A 533 -38.85 12.53 26.07
CA LEU A 533 -39.48 11.67 27.07
C LEU A 533 -39.59 12.47 28.37
N ARG A 534 -38.53 13.18 28.73
CA ARG A 534 -38.58 14.04 29.94
C ARG A 534 -39.78 14.99 29.90
N GLU A 535 -40.06 15.58 28.73
CA GLU A 535 -41.07 16.63 28.56
C GLU A 535 -42.51 16.14 28.48
N LYS A 536 -42.71 14.91 28.01
CA LYS A 536 -44.06 14.37 27.81
C LYS A 536 -44.51 13.27 28.81
N LEU A 537 -43.57 12.72 29.58
CA LEU A 537 -43.89 11.74 30.63
C LEU A 537 -43.81 12.37 32.03
N ASN A 538 -44.84 12.10 32.83
CA ASN A 538 -44.96 12.47 34.25
C ASN A 538 -43.65 12.28 35.05
N PRO A 539 -43.05 13.38 35.56
CA PRO A 539 -41.76 13.25 36.29
C PRO A 539 -41.83 12.26 37.43
N GLU A 540 -43.07 12.05 37.91
CA GLU A 540 -43.45 11.07 38.94
C GLU A 540 -43.28 9.63 38.43
N ILE A 541 -43.75 9.36 37.21
CA ILE A 541 -43.51 8.09 36.50
C ILE A 541 -42.03 7.86 36.14
N LEU A 542 -41.44 8.82 35.42
CA LEU A 542 -40.02 8.77 35.05
C LEU A 542 -39.22 8.30 36.26
N LYS A 543 -39.59 8.88 37.40
CA LYS A 543 -39.01 8.63 38.71
C LYS A 543 -38.85 7.14 39.00
N ARG A 544 -39.95 6.41 38.85
CA ARG A 544 -40.03 5.01 39.28
C ARG A 544 -39.59 3.99 38.24
N ILE A 545 -40.11 4.10 37.01
CA ILE A 545 -39.75 3.18 35.90
C ILE A 545 -38.28 3.25 35.48
N GLU A 546 -37.70 4.45 35.56
CA GLU A 546 -36.36 4.75 35.04
C GLU A 546 -35.36 3.58 35.07
N LYS A 547 -35.31 2.84 36.19
CA LYS A 547 -34.30 1.79 36.34
C LYS A 547 -34.64 0.48 35.61
N GLU A 548 -35.94 0.22 35.44
CA GLU A 548 -36.41 -0.90 34.61
C GLU A 548 -36.16 -0.62 33.12
N LEU A 549 -36.24 0.66 32.74
CA LEU A 549 -36.00 1.13 31.38
C LEU A 549 -34.56 0.88 30.96
N ILE A 550 -33.63 1.08 31.88
CA ILE A 550 -32.22 0.85 31.59
C ILE A 550 -31.83 -0.65 31.63
N GLU A 551 -32.61 -1.47 32.32
CA GLU A 551 -32.33 -2.92 32.34
C GLU A 551 -32.94 -3.64 31.10
N LYS A 552 -34.15 -3.23 30.73
CA LYS A 552 -34.93 -3.90 29.68
C LYS A 552 -34.72 -3.27 28.30
N GLY A 553 -34.30 -2.00 28.28
CA GLY A 553 -34.04 -1.25 27.05
C GLY A 553 -35.26 -0.75 26.28
N SER A 554 -36.46 -1.00 26.80
CA SER A 554 -37.68 -0.57 26.14
C SER A 554 -38.71 -0.13 27.17
N LEU A 555 -39.76 0.56 26.72
CA LEU A 555 -40.89 0.88 27.57
C LEU A 555 -41.93 -0.24 27.61
N LYS A 556 -42.00 -1.04 26.55
CA LYS A 556 -43.16 -1.91 26.25
C LYS A 556 -43.70 -2.76 27.39
N ASP A 557 -42.81 -3.42 28.13
CA ASP A 557 -43.26 -4.36 29.16
C ASP A 557 -42.93 -3.79 30.53
N ILE A 558 -43.35 -2.54 30.69
CA ILE A 558 -43.25 -1.87 31.96
C ILE A 558 -44.68 -1.58 32.45
N PRO A 559 -45.01 -2.04 33.68
CA PRO A 559 -46.30 -1.72 34.29
C PRO A 559 -46.49 -0.21 34.59
N ASP A 560 -47.62 0.33 34.14
CA ASP A 560 -48.17 1.63 34.59
C ASP A 560 -47.69 2.88 33.84
N VAL A 561 -47.09 2.70 32.66
CA VAL A 561 -46.81 3.82 31.75
C VAL A 561 -47.95 3.92 30.73
N PRO A 562 -48.55 5.12 30.58
CA PRO A 562 -49.67 5.28 29.66
C PRO A 562 -49.45 4.60 28.32
N GLU A 563 -50.52 3.98 27.81
CA GLU A 563 -50.45 3.20 26.58
C GLU A 563 -49.97 4.03 25.40
N LYS A 564 -50.23 5.34 25.45
CA LYS A 564 -49.89 6.23 24.31
C LYS A 564 -48.43 6.70 24.30
N ILE A 565 -47.82 6.67 25.48
CA ILE A 565 -46.40 6.88 25.61
C ILE A 565 -45.60 5.60 25.25
N LYS A 566 -46.12 4.42 25.58
CA LYS A 566 -45.50 3.19 25.06
C LYS A 566 -45.54 3.14 23.50
N LYS A 567 -46.64 3.60 22.90
CA LYS A 567 -46.79 3.56 21.45
C LYS A 567 -45.93 4.59 20.70
N VAL A 568 -45.74 5.78 21.29
CA VAL A 568 -44.96 6.87 20.64
C VAL A 568 -43.46 6.66 20.87
N PHE A 569 -43.06 6.52 22.12
CA PHE A 569 -41.64 6.36 22.47
C PHE A 569 -41.18 4.95 22.22
N VAL A 570 -41.27 4.53 20.96
CA VAL A 570 -40.65 3.28 20.49
C VAL A 570 -39.14 3.40 20.18
N VAL A 571 -38.39 2.37 20.54
CA VAL A 571 -37.01 2.28 20.14
C VAL A 571 -36.82 1.39 18.90
N ALA A 572 -35.57 1.29 18.45
CA ALA A 572 -35.20 0.52 17.26
C ALA A 572 -35.62 -0.96 17.31
N LEU A 573 -35.38 -1.62 18.44
CA LEU A 573 -35.89 -2.99 18.60
C LEU A 573 -37.40 -3.15 18.89
N ASP A 574 -38.12 -2.08 19.23
CA ASP A 574 -39.60 -2.16 19.31
C ASP A 574 -40.20 -2.21 17.91
N ILE A 575 -39.40 -1.86 16.90
CA ILE A 575 -39.89 -1.63 15.54
C ILE A 575 -39.49 -2.86 14.75
N ASP A 576 -40.44 -3.55 14.13
CA ASP A 576 -40.11 -4.80 13.44
C ASP A 576 -39.38 -4.53 12.12
N PRO A 577 -38.55 -5.51 11.68
CA PRO A 577 -37.80 -5.40 10.43
C PRO A 577 -38.55 -4.77 9.27
N MET A 578 -39.76 -5.20 8.98
CA MET A 578 -40.45 -4.62 7.80
C MET A 578 -40.76 -3.14 7.92
N ASP A 579 -41.03 -2.69 9.13
CA ASP A 579 -41.31 -1.29 9.41
C ASP A 579 -40.02 -0.42 9.33
N HIS A 580 -38.88 -0.99 9.69
CA HIS A 580 -37.59 -0.41 9.33
C HIS A 580 -37.49 -0.29 7.78
N LEU A 581 -37.62 -1.41 7.09
CA LEU A 581 -37.55 -1.45 5.65
C LEU A 581 -38.49 -0.45 5.00
N LEU A 582 -39.73 -0.41 5.43
CA LEU A 582 -40.71 0.41 4.74
C LEU A 582 -40.49 1.92 4.93
N MET A 583 -39.99 2.32 6.09
CA MET A 583 -39.56 3.67 6.34
C MET A 583 -38.41 4.10 5.40
N GLN A 584 -37.39 3.25 5.28
CA GLN A 584 -36.34 3.47 4.30
C GLN A 584 -36.93 3.73 2.94
N ASP A 585 -37.91 2.91 2.55
CA ASP A 585 -38.52 3.02 1.18
C ASP A 585 -39.17 4.39 0.98
N ALA A 586 -39.82 4.85 2.06
CA ALA A 586 -40.61 6.06 2.09
C ALA A 586 -39.68 7.20 1.80
N PHE A 587 -38.56 7.28 2.55
CA PHE A 587 -37.56 8.36 2.28
C PHE A 587 -36.92 8.28 0.92
N GLN A 588 -36.54 7.08 0.51
CA GLN A 588 -35.81 6.86 -0.76
C GLN A 588 -36.60 7.25 -1.99
N ARG A 589 -37.93 7.19 -1.88
CA ARG A 589 -38.81 7.68 -2.99
C ARG A 589 -38.54 9.13 -3.34
N TYR A 590 -38.01 9.87 -2.36
CA TYR A 590 -37.76 11.34 -2.48
C TYR A 590 -36.33 11.80 -2.20
N VAL A 591 -35.38 10.91 -2.49
CA VAL A 591 -33.94 11.16 -2.34
C VAL A 591 -33.22 10.65 -3.59
N ASP A 592 -32.44 11.54 -4.18
CA ASP A 592 -31.73 11.21 -5.42
C ASP A 592 -30.44 10.45 -5.17
N ASN A 593 -29.74 10.69 -4.06
CA ASN A 593 -28.69 9.76 -3.67
C ASN A 593 -29.40 8.58 -2.98
N ASN A 594 -28.70 7.86 -2.10
CA ASN A 594 -29.25 6.75 -1.33
C ASN A 594 -29.47 7.10 0.12
N ILE A 595 -29.70 6.05 0.92
CA ILE A 595 -30.14 6.20 2.27
C ILE A 595 -29.35 5.30 3.16
N SER A 596 -28.83 5.89 4.23
CA SER A 596 -28.31 5.10 5.32
C SER A 596 -29.38 4.74 6.35
N LYS A 597 -29.60 3.43 6.50
CA LYS A 597 -30.64 2.78 7.30
C LYS A 597 -30.16 1.38 7.70
N THR A 598 -30.01 1.12 8.99
CA THR A 598 -29.88 -0.26 9.52
C THR A 598 -31.26 -0.92 9.74
N ILE A 599 -31.50 -2.10 9.13
CA ILE A 599 -32.68 -2.89 9.43
C ILE A 599 -32.34 -3.74 10.67
N ASN A 600 -32.77 -3.25 11.82
CA ASN A 600 -32.53 -3.91 13.08
C ASN A 600 -33.39 -5.11 13.13
N MET A 601 -32.82 -6.21 13.63
CA MET A 601 -33.58 -7.45 13.81
C MET A 601 -33.42 -8.00 15.26
N PRO A 602 -34.50 -8.63 15.81
CA PRO A 602 -34.43 -9.17 17.17
C PRO A 602 -33.54 -10.41 17.17
N GLN A 603 -32.95 -10.70 18.30
CA GLN A 603 -32.05 -11.86 18.43
C GLN A 603 -32.68 -13.17 17.93
N SER A 604 -34.01 -13.18 18.00
CA SER A 604 -34.87 -14.32 17.79
C SER A 604 -35.23 -14.52 16.32
N ALA A 605 -34.88 -13.53 15.47
CA ALA A 605 -34.96 -13.57 14.04
C ALA A 605 -34.16 -14.72 13.47
N THR A 606 -34.66 -15.36 12.42
CA THR A 606 -33.97 -16.45 11.78
C THR A 606 -33.33 -15.96 10.49
N VAL A 607 -32.48 -16.78 9.90
CA VAL A 607 -32.00 -16.56 8.52
C VAL A 607 -33.13 -16.44 7.49
N ASP A 608 -34.22 -17.19 7.66
CA ASP A 608 -35.43 -17.00 6.80
C ASP A 608 -36.05 -15.60 6.93
N ASP A 609 -36.08 -15.07 8.14
CA ASP A 609 -36.50 -13.69 8.40
C ASP A 609 -35.59 -12.70 7.67
N VAL A 610 -34.27 -12.97 7.65
CA VAL A 610 -33.31 -12.09 6.90
C VAL A 610 -33.60 -12.20 5.39
N LEU A 611 -33.65 -13.43 4.85
CA LEU A 611 -34.11 -13.64 3.49
C LEU A 611 -35.36 -12.87 3.06
N ASN A 612 -36.34 -12.80 3.95
CA ASN A 612 -37.61 -12.15 3.57
C ASN A 612 -37.43 -10.65 3.50
N VAL A 613 -36.58 -10.10 4.37
CA VAL A 613 -36.23 -8.67 4.30
C VAL A 613 -35.62 -8.33 2.93
N TYR A 614 -34.66 -9.14 2.49
CA TYR A 614 -34.07 -9.11 1.16
C TYR A 614 -35.13 -9.24 0.06
N LEU A 615 -36.03 -10.21 0.13
CA LEU A 615 -37.11 -10.25 -0.89
C LEU A 615 -38.01 -9.03 -0.83
N GLU A 616 -38.30 -8.57 0.37
CA GLU A 616 -39.13 -7.41 0.41
C GLU A 616 -38.37 -6.18 -0.13
N ALA A 617 -37.06 -6.05 0.10
CA ALA A 617 -36.32 -4.89 -0.40
C ALA A 617 -36.29 -4.94 -1.89
N LEU A 618 -36.32 -6.14 -2.46
CA LEU A 618 -36.33 -6.26 -3.92
C LEU A 618 -37.61 -5.70 -4.56
N ARG A 619 -38.68 -5.64 -3.78
CA ARG A 619 -39.97 -5.14 -4.24
C ARG A 619 -40.19 -3.67 -3.95
N THR A 620 -39.51 -3.13 -2.94
CA THR A 620 -39.60 -1.71 -2.56
C THR A 620 -38.64 -0.89 -3.46
N ASN A 621 -38.40 0.37 -3.10
CA ASN A 621 -37.52 1.26 -3.89
C ASN A 621 -36.22 1.49 -3.19
N VAL A 622 -35.90 0.61 -2.26
CA VAL A 622 -34.67 0.81 -1.52
C VAL A 622 -33.50 0.64 -2.47
N ARG A 623 -32.39 1.33 -2.20
CA ARG A 623 -31.22 1.26 -3.13
C ARG A 623 -30.12 0.28 -2.60
N GLY A 624 -30.37 -0.39 -1.47
CA GLY A 624 -29.40 -1.28 -0.82
C GLY A 624 -29.95 -1.62 0.57
N ILE A 625 -29.36 -2.63 1.20
CA ILE A 625 -29.85 -3.17 2.48
C ILE A 625 -28.69 -3.32 3.43
N THR A 626 -28.82 -2.80 4.66
CA THR A 626 -27.93 -3.19 5.77
C THR A 626 -28.84 -3.83 6.80
N VAL A 627 -28.55 -5.04 7.21
CA VAL A 627 -29.30 -5.64 8.36
C VAL A 627 -28.38 -5.82 9.57
N TYR A 628 -28.95 -5.65 10.75
CA TYR A 628 -28.20 -6.01 11.96
C TYR A 628 -29.04 -6.81 12.97
N ARG A 629 -28.57 -7.99 13.35
CA ARG A 629 -29.34 -8.75 14.33
C ARG A 629 -28.84 -8.47 15.71
N ASP A 630 -29.74 -7.88 16.50
CA ASP A 630 -29.49 -7.52 17.92
C ASP A 630 -28.29 -8.11 18.64
N GLY A 631 -28.24 -9.42 18.83
CA GLY A 631 -27.08 -9.94 19.55
C GLY A 631 -25.99 -10.62 18.75
N SER A 632 -25.87 -10.32 17.46
CA SER A 632 -24.85 -10.98 16.62
C SER A 632 -23.45 -10.65 17.09
N LEU A 633 -23.11 -9.36 17.09
CA LEU A 633 -21.74 -8.92 17.21
C LEU A 633 -21.38 -8.52 18.65
N MET B 1 46.67 -21.58 -20.01
CA MET B 1 45.78 -22.30 -20.95
C MET B 1 44.71 -21.35 -21.48
N LYS B 2 44.47 -21.37 -22.78
CA LYS B 2 43.51 -20.47 -23.40
C LYS B 2 42.08 -20.81 -22.99
N LEU B 3 41.27 -19.75 -22.85
CA LEU B 3 39.88 -19.88 -22.49
C LEU B 3 39.15 -20.87 -23.41
N SER B 4 39.40 -20.73 -24.72
CA SER B 4 38.77 -21.63 -25.71
C SER B 4 39.08 -23.08 -25.39
N ASP B 5 40.28 -23.35 -24.86
CA ASP B 5 40.64 -24.73 -24.49
C ASP B 5 40.05 -25.12 -23.15
N LEU B 6 39.92 -24.11 -22.28
CA LEU B 6 39.13 -24.30 -21.05
C LEU B 6 37.67 -24.60 -21.37
N ILE B 7 37.06 -23.80 -22.23
CA ILE B 7 35.67 -24.01 -22.61
C ILE B 7 35.44 -25.45 -23.08
N SER B 8 36.37 -25.95 -23.91
CA SER B 8 36.34 -27.32 -24.44
C SER B 8 36.40 -28.40 -23.35
N ARG B 9 37.14 -28.15 -22.24
CA ARG B 9 37.07 -29.06 -21.06
C ARG B 9 35.69 -29.11 -20.43
N TRP B 10 34.97 -28.00 -20.50
CA TRP B 10 33.67 -27.97 -19.85
C TRP B 10 32.42 -27.96 -20.73
N ILE B 11 32.51 -27.36 -21.91
CA ILE B 11 31.31 -27.21 -22.75
C ILE B 11 30.41 -28.46 -22.84
N ASP B 12 30.97 -29.66 -22.81
CA ASP B 12 30.09 -30.84 -22.92
C ASP B 12 29.83 -31.69 -21.67
N VAL B 13 30.28 -31.21 -20.50
CA VAL B 13 29.90 -31.88 -19.24
C VAL B 13 28.45 -31.56 -18.90
N GLU B 14 27.58 -32.57 -18.98
CA GLU B 14 26.16 -32.36 -18.76
C GLU B 14 25.81 -31.93 -17.31
N PRO B 15 24.93 -30.90 -17.18
CA PRO B 15 24.38 -30.54 -15.89
C PRO B 15 23.80 -31.76 -15.16
N SER B 16 24.06 -31.90 -13.87
CA SER B 16 23.58 -33.04 -13.10
C SER B 16 22.05 -33.14 -13.17
N LYS B 17 21.49 -34.27 -12.71
CA LYS B 17 20.05 -34.44 -12.63
C LYS B 17 19.42 -33.43 -11.66
N ASN B 18 20.24 -32.99 -10.71
CA ASN B 18 19.83 -31.97 -9.74
C ASN B 18 19.64 -30.61 -10.45
N ALA B 19 20.68 -30.19 -11.16
CA ALA B 19 20.65 -28.99 -11.97
C ALA B 19 19.53 -29.04 -13.00
N GLN B 20 19.43 -30.16 -13.72
CA GLN B 20 18.43 -30.35 -14.79
C GLN B 20 16.97 -30.22 -14.29
N ILE B 21 16.70 -30.73 -13.08
CA ILE B 21 15.39 -30.58 -12.43
C ILE B 21 15.04 -29.14 -12.10
N ILE B 22 16.00 -28.39 -11.55
CA ILE B 22 15.83 -26.96 -11.25
C ILE B 22 15.62 -26.15 -12.52
N LEU B 23 16.39 -26.47 -13.55
CA LEU B 23 16.21 -25.86 -14.86
C LEU B 23 14.79 -26.09 -15.44
N ARG B 24 14.39 -27.36 -15.61
CA ARG B 24 13.05 -27.71 -16.12
C ARG B 24 12.03 -26.95 -15.32
N ASP B 25 12.13 -27.19 -14.02
CA ASP B 25 11.30 -26.59 -13.02
C ASP B 25 11.10 -25.09 -13.11
N ARG B 26 12.12 -24.31 -13.48
CA ARG B 26 11.88 -22.86 -13.60
C ARG B 26 12.69 -21.95 -14.51
N TYR B 27 13.61 -22.50 -15.31
CA TYR B 27 14.41 -21.68 -16.26
C TYR B 27 14.05 -21.85 -17.74
N PHE B 28 13.65 -23.07 -18.10
CA PHE B 28 13.26 -23.41 -19.45
C PHE B 28 11.97 -22.71 -19.79
N MET B 29 11.96 -21.96 -20.87
CA MET B 29 10.76 -21.26 -21.32
C MET B 29 9.63 -22.24 -21.64
N LYS B 30 8.38 -21.78 -21.49
CA LYS B 30 7.23 -22.61 -21.77
C LYS B 30 6.21 -21.80 -22.56
N ASP B 31 5.68 -22.39 -23.65
CA ASP B 31 4.65 -21.74 -24.48
C ASP B 31 3.33 -21.53 -23.71
N LEU B 32 2.46 -20.70 -24.28
CA LEU B 32 1.17 -20.36 -23.66
C LEU B 32 0.27 -21.54 -23.15
N ASP B 33 0.75 -22.79 -23.25
CA ASP B 33 0.07 -23.95 -22.65
C ASP B 33 0.89 -24.70 -21.60
N GLY B 34 2.11 -24.22 -21.35
CA GLY B 34 3.01 -24.91 -20.44
C GLY B 34 3.68 -26.09 -21.12
N ASN B 35 4.02 -25.89 -22.39
CA ASN B 35 4.83 -26.86 -23.10
C ASN B 35 6.23 -26.28 -23.32
N TYR B 36 7.22 -27.16 -23.33
CA TYR B 36 8.61 -26.74 -23.40
C TYR B 36 9.12 -26.22 -24.75
N LEU B 37 9.56 -24.96 -24.72
CA LEU B 37 10.28 -24.35 -25.83
C LEU B 37 11.78 -24.60 -25.66
N GLU B 38 12.19 -24.90 -24.43
CA GLU B 38 13.58 -25.20 -24.13
C GLU B 38 13.57 -26.42 -23.30
N THR B 39 14.51 -27.33 -23.57
CA THR B 39 14.50 -28.66 -22.96
C THR B 39 15.85 -29.00 -22.34
N LYS B 40 16.88 -28.25 -22.71
CA LYS B 40 18.20 -28.39 -22.03
C LYS B 40 18.94 -27.05 -21.89
N TRP B 41 20.02 -27.05 -21.11
CA TRP B 41 20.74 -25.84 -20.74
C TRP B 41 21.21 -25.08 -21.96
N GLU B 42 21.52 -25.84 -23.01
CA GLU B 42 21.98 -25.28 -24.30
C GLU B 42 20.98 -24.29 -24.91
N ASP B 43 19.69 -24.61 -24.77
CA ASP B 43 18.66 -23.73 -25.27
C ASP B 43 18.72 -22.44 -24.49
N VAL B 44 18.92 -22.54 -23.16
CA VAL B 44 18.98 -21.33 -22.29
C VAL B 44 20.17 -20.49 -22.65
N ALA B 45 21.32 -21.17 -22.76
CA ALA B 45 22.57 -20.53 -23.13
C ALA B 45 22.50 -19.80 -24.49
N ARG B 46 21.88 -20.42 -25.49
CA ARG B 46 21.70 -19.84 -26.83
C ARG B 46 20.81 -18.60 -26.75
N ARG B 47 19.64 -18.77 -26.15
CA ARG B 47 18.69 -17.65 -25.97
C ARG B 47 19.34 -16.47 -25.25
N VAL B 48 20.07 -16.75 -24.15
CA VAL B 48 20.60 -15.68 -23.27
C VAL B 48 21.77 -14.92 -23.98
N ALA B 49 22.69 -15.67 -24.58
CA ALA B 49 23.80 -15.10 -25.29
C ALA B 49 23.33 -14.24 -26.46
N ARG B 50 22.34 -14.72 -27.19
CA ARG B 50 21.77 -13.97 -28.32
C ARG B 50 21.09 -12.66 -27.95
N VAL B 51 20.27 -12.71 -26.88
CA VAL B 51 19.63 -11.48 -26.35
C VAL B 51 20.65 -10.47 -25.88
N VAL B 52 21.72 -10.96 -25.24
CA VAL B 52 22.66 -10.02 -24.66
C VAL B 52 23.68 -9.46 -25.66
N ALA B 53 24.07 -10.30 -26.63
CA ALA B 53 24.83 -9.92 -27.83
C ALA B 53 24.11 -8.83 -28.65
N THR B 54 22.78 -8.88 -28.68
CA THR B 54 21.99 -7.81 -29.32
C THR B 54 22.42 -6.41 -28.90
N ALA B 55 22.85 -6.22 -27.65
CA ALA B 55 23.26 -4.86 -27.19
C ALA B 55 24.39 -4.24 -28.01
N GLU B 56 25.14 -5.10 -28.69
CA GLU B 56 26.28 -4.66 -29.50
C GLU B 56 25.80 -3.83 -30.71
N LEU B 57 24.52 -3.99 -31.06
CA LEU B 57 23.79 -3.15 -31.99
C LEU B 57 23.97 -1.66 -31.71
N LEU B 58 24.31 -1.33 -30.48
CA LEU B 58 24.39 0.05 -30.02
C LEU B 58 25.82 0.57 -29.89
N ASN B 59 26.78 -0.25 -30.32
CA ASN B 59 28.21 0.05 -30.20
C ASN B 59 28.60 1.09 -31.24
N PRO B 60 29.00 2.29 -30.80
CA PRO B 60 29.36 3.34 -31.76
C PRO B 60 30.67 3.04 -32.47
N SER B 61 31.51 2.19 -31.88
CA SER B 61 32.75 1.78 -32.51
C SER B 61 32.60 0.97 -33.79
N TYR B 62 31.50 0.25 -33.93
CA TYR B 62 31.32 -0.50 -35.16
C TYR B 62 30.70 0.39 -36.23
N LYS B 63 30.52 -0.18 -37.43
CA LYS B 63 29.71 0.43 -38.46
C LYS B 63 28.73 -0.62 -38.97
N LYS B 64 27.74 -0.16 -39.75
CA LYS B 64 27.18 -0.99 -40.80
C LYS B 64 28.38 -1.42 -41.66
N ASN B 65 28.35 -2.64 -42.18
CA ASN B 65 29.52 -3.27 -42.85
C ASN B 65 30.54 -3.76 -41.81
N GLU B 66 30.03 -4.39 -40.75
CA GLU B 66 30.86 -4.85 -39.63
C GLU B 66 30.07 -5.32 -38.42
N LYS B 67 28.92 -4.68 -38.15
CA LYS B 67 28.13 -4.94 -36.95
C LYS B 67 27.73 -6.41 -36.83
N LEU B 68 27.09 -6.95 -37.86
CA LEU B 68 26.63 -8.33 -37.83
C LEU B 68 27.76 -9.34 -37.56
N ASP B 69 28.95 -9.14 -38.15
CA ASP B 69 30.09 -10.04 -37.90
C ASP B 69 30.47 -9.98 -36.44
N ARG B 70 30.63 -8.75 -35.97
CA ARG B 70 31.02 -8.41 -34.63
C ARG B 70 29.99 -8.86 -33.59
N ILE B 71 28.70 -8.68 -33.88
CA ILE B 71 27.63 -9.10 -32.99
C ILE B 71 27.64 -10.60 -32.82
N LYS B 72 27.70 -11.33 -33.94
CA LYS B 72 27.69 -12.80 -33.95
C LYS B 72 28.89 -13.41 -33.23
N GLU B 73 29.98 -12.68 -33.24
CA GLU B 73 31.17 -13.08 -32.53
C GLU B 73 30.91 -12.95 -31.05
N TRP B 74 30.22 -11.88 -30.63
CA TRP B 74 29.92 -11.81 -29.21
C TRP B 74 28.94 -12.90 -28.76
N GLU B 75 27.88 -13.15 -29.53
CA GLU B 75 26.92 -14.24 -29.16
C GLU B 75 27.59 -15.58 -29.05
N ASP B 76 28.58 -15.75 -29.92
CA ASP B 76 29.29 -17.01 -29.98
C ASP B 76 30.16 -17.13 -28.71
N ILE B 77 30.95 -16.11 -28.37
CA ILE B 77 31.67 -16.19 -27.09
C ILE B 77 30.72 -16.37 -25.86
N PHE B 78 29.76 -15.45 -25.72
CA PHE B 78 28.74 -15.48 -24.69
C PHE B 78 28.20 -16.91 -24.57
N PHE B 79 27.69 -17.43 -25.68
CA PHE B 79 27.14 -18.79 -25.75
C PHE B 79 28.06 -19.90 -25.23
N ARG B 80 29.31 -19.87 -25.66
CA ARG B 80 30.23 -20.94 -25.27
C ARG B 80 30.55 -20.90 -23.76
N VAL B 81 30.93 -19.74 -23.26
CA VAL B 81 31.03 -19.51 -21.79
C VAL B 81 29.80 -19.94 -20.95
N LEU B 82 28.60 -19.53 -21.38
CA LEU B 82 27.36 -19.93 -20.75
C LEU B 82 27.10 -21.43 -20.82
N LYS B 83 27.19 -22.00 -22.02
CA LYS B 83 26.94 -23.45 -22.17
C LYS B 83 27.95 -24.24 -21.32
N ALA B 84 29.20 -23.80 -21.30
CA ALA B 84 30.22 -24.42 -20.45
C ALA B 84 30.04 -24.19 -18.95
N ARG B 85 29.21 -23.19 -18.60
CA ARG B 85 28.88 -22.86 -17.20
C ARG B 85 30.08 -22.35 -16.40
N LEU B 86 30.92 -21.58 -17.07
CA LEU B 86 32.07 -20.98 -16.49
C LEU B 86 31.73 -19.58 -15.94
N PHE B 87 30.63 -19.04 -16.45
CA PHE B 87 30.02 -17.79 -16.00
C PHE B 87 28.52 -17.92 -16.23
N ILE B 88 27.76 -17.54 -15.22
CA ILE B 88 26.31 -17.55 -15.31
C ILE B 88 25.76 -16.26 -14.72
N PRO B 89 24.88 -15.56 -15.47
CA PRO B 89 24.27 -14.33 -14.92
C PRO B 89 23.22 -14.62 -13.85
N ASN B 90 22.86 -13.62 -13.06
CA ASN B 90 21.80 -13.78 -12.08
C ASN B 90 20.52 -14.29 -12.72
N SER B 91 19.76 -15.04 -11.92
CA SER B 91 18.52 -15.66 -12.35
C SER B 91 17.60 -14.83 -13.21
N PRO B 92 17.35 -13.57 -12.83
CA PRO B 92 16.41 -12.82 -13.65
C PRO B 92 16.80 -12.74 -15.14
N THR B 93 18.08 -12.72 -15.41
CA THR B 93 18.58 -12.75 -16.79
C THR B 93 18.20 -14.06 -17.51
N LEU B 94 18.24 -15.19 -16.82
CA LEU B 94 17.96 -16.50 -17.36
C LEU B 94 16.48 -16.65 -17.62
N PHE B 95 15.66 -16.07 -16.75
CA PHE B 95 14.23 -16.20 -16.83
C PHE B 95 13.70 -15.37 -17.93
N ASN B 96 14.17 -14.14 -17.98
CA ASN B 96 13.44 -13.10 -18.71
C ASN B 96 14.06 -12.65 -20.01
N ALA B 97 15.28 -13.11 -20.27
CA ALA B 97 15.94 -12.86 -21.55
C ALA B 97 15.09 -13.39 -22.76
N GLY B 98 14.80 -12.50 -23.71
CA GLY B 98 13.96 -12.88 -24.85
C GLY B 98 12.43 -12.82 -24.71
N LEU B 99 11.92 -12.36 -23.56
CA LEU B 99 10.45 -12.19 -23.39
C LEU B 99 9.93 -11.05 -24.28
N GLY B 100 8.84 -11.31 -25.01
CA GLY B 100 8.40 -10.48 -26.12
C GLY B 100 8.79 -11.00 -27.50
N VAL B 101 9.88 -11.78 -27.58
CA VAL B 101 10.55 -12.00 -28.88
C VAL B 101 9.97 -13.25 -29.53
N LYS B 102 9.72 -13.17 -30.83
CA LYS B 102 9.30 -14.31 -31.67
C LYS B 102 10.18 -15.53 -31.43
N HIS B 103 9.58 -16.62 -31.03
CA HIS B 103 10.34 -17.83 -30.73
C HIS B 103 11.35 -18.25 -31.81
N ASP B 104 11.01 -18.02 -33.09
CA ASP B 104 11.92 -18.41 -34.16
C ASP B 104 13.14 -17.51 -34.33
N LEU B 105 13.30 -16.52 -33.46
CA LEU B 105 14.49 -15.69 -33.48
C LEU B 105 15.47 -15.99 -32.35
N LEU B 106 14.99 -16.68 -31.31
CA LEU B 106 15.73 -16.83 -30.05
C LEU B 106 16.61 -18.07 -30.05
N TRP B 107 16.31 -19.00 -30.96
CA TRP B 107 17.03 -20.26 -30.99
C TRP B 107 17.53 -20.60 -32.39
N LYS B 108 17.43 -19.65 -33.31
CA LYS B 108 17.83 -19.89 -34.67
C LYS B 108 19.35 -19.88 -34.74
N PRO B 109 19.96 -20.78 -35.56
CA PRO B 109 21.41 -20.95 -35.46
C PRO B 109 22.10 -19.62 -35.75
N ILE B 110 23.20 -19.37 -35.03
CA ILE B 110 23.94 -18.12 -35.19
C ILE B 110 24.32 -17.80 -36.64
N ASP B 111 24.89 -18.77 -37.37
CA ASP B 111 25.24 -18.58 -38.80
C ASP B 111 24.10 -17.99 -39.63
N GLN B 112 22.85 -18.34 -39.30
CA GLN B 112 21.69 -17.86 -40.03
C GLN B 112 21.19 -16.45 -39.65
N MET B 113 21.80 -15.82 -38.64
CA MET B 113 21.31 -14.55 -38.09
C MET B 113 21.65 -13.40 -39.02
N THR B 114 20.70 -12.50 -39.21
CA THR B 114 20.96 -11.35 -40.07
C THR B 114 20.91 -10.13 -39.16
N LEU B 115 21.40 -9.01 -39.64
CA LEU B 115 21.30 -7.74 -38.95
C LEU B 115 19.85 -7.33 -38.63
N GLU B 116 18.90 -7.81 -39.43
CA GLU B 116 17.49 -7.51 -39.24
C GLU B 116 16.94 -8.29 -38.08
N ASP B 117 17.24 -9.59 -38.06
CA ASP B 117 16.91 -10.50 -36.95
C ASP B 117 17.34 -9.96 -35.59
N TYR B 118 18.56 -9.41 -35.50
CA TYR B 118 19.08 -8.86 -34.26
C TYR B 118 18.33 -7.60 -33.90
N GLU B 119 17.94 -6.83 -34.90
CA GLU B 119 17.19 -5.62 -34.63
C GLU B 119 15.80 -5.93 -34.12
N GLU B 120 15.17 -6.95 -34.66
CA GLU B 120 13.84 -7.32 -34.23
C GLU B 120 13.79 -7.83 -32.79
N ILE B 121 14.76 -8.68 -32.41
CA ILE B 121 15.02 -9.03 -31.00
C ILE B 121 15.06 -7.73 -30.17
N TYR B 122 15.99 -6.85 -30.51
CA TYR B 122 16.13 -5.63 -29.80
C TYR B 122 14.79 -4.91 -29.51
N ARG B 123 13.90 -4.83 -30.50
CA ARG B 123 12.65 -4.04 -30.38
C ARG B 123 11.47 -4.87 -29.91
N SER B 124 11.56 -6.18 -29.93
CA SER B 124 10.39 -6.96 -29.51
C SER B 124 10.41 -7.29 -28.02
N ARG B 125 11.35 -6.68 -27.32
CA ARG B 125 11.56 -6.87 -25.89
C ARG B 125 10.41 -6.26 -25.09
N ASN B 126 9.72 -7.04 -24.28
CA ASN B 126 8.57 -6.45 -23.59
C ASN B 126 8.85 -6.00 -22.16
N HIS B 127 7.84 -5.41 -21.54
CA HIS B 127 7.91 -4.80 -20.21
C HIS B 127 8.29 -5.82 -19.10
N LEU B 128 8.27 -7.10 -19.44
CA LEU B 128 8.61 -8.11 -18.47
C LEU B 128 10.09 -8.51 -18.65
N HIS B 129 10.74 -7.89 -19.65
CA HIS B 129 12.11 -8.28 -20.03
C HIS B 129 13.12 -7.69 -19.02
N MET B 130 12.93 -8.05 -17.76
CA MET B 130 13.73 -7.40 -16.70
C MET B 130 14.75 -8.40 -16.22
N LEU B 131 16.02 -8.02 -16.25
CA LEU B 131 17.12 -8.99 -16.09
C LEU B 131 18.06 -8.76 -14.89
N SER B 132 17.70 -7.85 -14.00
CA SER B 132 18.49 -7.49 -12.81
C SER B 132 17.95 -8.07 -11.54
N ALA B 133 18.83 -8.57 -10.69
CA ALA B 133 18.38 -9.03 -9.39
C ALA B 133 18.00 -7.86 -8.44
N CYS B 134 18.77 -6.77 -8.39
CA CYS B 134 18.85 -5.92 -7.19
C CYS B 134 18.36 -4.53 -7.44
N PHE B 135 17.45 -4.07 -6.57
CA PHE B 135 16.84 -2.76 -6.57
C PHE B 135 16.92 -2.06 -5.18
N VAL B 136 17.01 -0.74 -5.17
CA VAL B 136 16.72 0.03 -3.99
C VAL B 136 15.82 1.19 -4.41
N VAL B 137 14.67 1.34 -3.70
CA VAL B 137 13.84 2.59 -3.80
C VAL B 137 13.82 3.39 -2.48
N PRO B 138 13.75 4.73 -2.55
CA PRO B 138 13.53 5.41 -1.28
C PRO B 138 12.08 5.33 -0.80
N VAL B 139 11.91 5.63 0.47
CA VAL B 139 10.64 5.80 1.11
C VAL B 139 10.64 7.12 1.86
N GLY B 140 10.30 8.19 1.13
CA GLY B 140 10.13 9.54 1.73
C GLY B 140 9.12 9.67 2.87
N ASP B 141 9.25 10.72 3.68
CA ASP B 141 8.47 10.84 4.93
C ASP B 141 7.11 11.52 4.71
N SER B 142 6.27 10.88 3.90
CA SER B 142 4.92 11.37 3.64
C SER B 142 4.12 10.22 3.19
N ILE B 143 2.82 10.25 3.50
CA ILE B 143 1.91 9.17 3.13
C ILE B 143 1.95 8.93 1.62
N GLU B 144 1.98 10.02 0.84
CA GLU B 144 2.15 9.93 -0.61
C GLU B 144 3.37 9.05 -1.03
N GLU B 145 4.54 9.39 -0.50
CA GLU B 145 5.79 8.70 -0.81
C GLU B 145 5.78 7.30 -0.24
N ILE B 146 5.23 7.10 0.97
CA ILE B 146 5.19 5.73 1.48
C ILE B 146 4.48 4.79 0.49
N PHE B 147 3.37 5.28 -0.08
CA PHE B 147 2.46 4.46 -0.88
C PHE B 147 2.82 4.31 -2.34
N GLU B 148 3.50 5.31 -2.84
CA GLU B 148 4.19 5.19 -4.09
C GLU B 148 5.32 4.13 -3.97
N ALA B 149 6.05 4.09 -2.85
CA ALA B 149 7.05 3.07 -2.62
C ALA B 149 6.45 1.67 -2.54
N VAL B 150 5.31 1.53 -1.83
CA VAL B 150 4.58 0.26 -1.80
C VAL B 150 4.23 -0.15 -3.26
N LYS B 151 3.71 0.76 -4.08
CA LYS B 151 3.44 0.48 -5.50
C LYS B 151 4.73 -0.03 -6.24
N GLU B 152 5.82 0.71 -6.12
CA GLU B 152 7.13 0.30 -6.67
C GLU B 152 7.57 -1.07 -6.20
N TYR B 153 7.48 -1.32 -4.91
CA TYR B 153 7.76 -2.70 -4.42
C TYR B 153 6.99 -3.76 -5.18
N ALA B 154 5.70 -3.52 -5.38
CA ALA B 154 4.84 -4.46 -6.09
C ALA B 154 5.26 -4.69 -7.53
N LEU B 155 5.51 -3.59 -8.25
CA LEU B 155 5.91 -3.63 -9.64
C LEU B 155 7.29 -4.31 -9.80
N ILE B 156 8.24 -4.00 -8.92
CA ILE B 156 9.58 -4.63 -9.00
C ILE B 156 9.45 -6.11 -8.72
N THR B 157 8.63 -6.44 -7.71
CA THR B 157 8.50 -7.82 -7.25
C THR B 157 7.80 -8.67 -8.30
N LYS B 158 6.77 -8.08 -8.91
CA LYS B 158 6.05 -8.71 -10.03
C LYS B 158 6.97 -9.22 -11.11
N VAL B 159 7.86 -8.33 -11.58
CA VAL B 159 8.71 -8.59 -12.74
C VAL B 159 10.03 -9.31 -12.39
N GLY B 160 10.30 -9.51 -11.11
CA GLY B 160 11.33 -10.42 -10.69
C GLY B 160 12.46 -9.89 -9.83
N GLY B 161 12.35 -8.67 -9.33
CA GLY B 161 13.48 -8.07 -8.60
C GLY B 161 13.40 -8.28 -7.11
N GLY B 162 14.55 -8.27 -6.44
CA GLY B 162 14.55 -8.10 -5.02
C GLY B 162 14.78 -6.64 -4.72
N VAL B 163 14.07 -6.11 -3.73
CA VAL B 163 14.11 -4.66 -3.42
C VAL B 163 14.37 -4.41 -1.95
N GLY B 164 15.09 -3.32 -1.70
CA GLY B 164 15.53 -2.95 -0.38
C GLY B 164 15.19 -1.51 -0.14
N SER B 165 14.94 -1.16 1.12
CA SER B 165 14.80 0.21 1.53
C SER B 165 15.38 0.62 2.88
N ASN B 166 15.88 1.85 2.94
CA ASN B 166 16.08 2.46 4.26
C ASN B 166 14.82 3.23 4.67
N PHE B 167 14.21 2.77 5.77
CA PHE B 167 12.98 3.38 6.29
C PHE B 167 13.15 4.58 7.20
N SER B 168 14.36 5.14 7.25
CA SER B 168 14.75 6.06 8.31
C SER B 168 14.24 7.48 8.09
N GLU B 169 13.79 7.77 6.86
CA GLU B 169 13.17 9.04 6.55
C GLU B 169 11.85 9.20 7.30
N LEU B 170 11.19 8.08 7.62
CA LEU B 170 9.92 8.12 8.31
C LEU B 170 10.04 8.46 9.79
N ARG B 171 9.50 9.64 10.16
CA ARG B 171 9.48 10.13 11.53
C ARG B 171 8.99 9.06 12.48
N PRO B 172 9.58 9.01 13.69
CA PRO B 172 9.19 7.97 14.64
C PRO B 172 7.72 8.01 15.12
N LYS B 173 7.30 6.93 15.78
CA LYS B 173 5.99 6.77 16.32
C LYS B 173 5.75 7.89 17.34
N GLY B 174 4.77 8.75 17.04
CA GLY B 174 4.37 9.82 17.95
C GLY B 174 4.60 11.20 17.40
N SER B 175 5.51 11.36 16.46
CA SER B 175 5.82 12.69 15.99
C SER B 175 4.58 13.50 15.51
N PHE B 176 4.67 14.83 15.60
CA PHE B 176 3.62 15.74 15.14
C PHE B 176 3.46 15.58 13.62
N VAL B 177 2.22 15.58 13.16
CA VAL B 177 1.92 15.68 11.75
C VAL B 177 1.05 16.90 11.61
N ALA B 178 1.48 17.84 10.78
CA ALA B 178 0.66 19.02 10.53
C ALA B 178 -0.64 18.56 9.88
N GLY B 179 -1.71 18.43 10.69
CA GLY B 179 -3.04 17.97 10.21
C GLY B 179 -4.23 18.11 11.17
N THR B 180 -4.76 16.98 11.62
CA THR B 180 -5.90 16.88 12.56
C THR B 180 -5.70 15.58 13.38
N HIS B 181 -5.66 14.45 12.65
CA HIS B 181 -5.75 13.09 13.22
C HIS B 181 -4.58 12.72 14.15
N GLY B 182 -3.54 13.56 14.14
CA GLY B 182 -2.58 13.60 15.26
C GLY B 182 -1.11 13.30 15.01
N LYS B 183 -0.81 12.01 15.01
CA LYS B 183 0.52 11.48 15.22
C LYS B 183 0.98 10.51 14.10
N ALA B 184 2.29 10.55 13.79
CA ALA B 184 2.95 9.55 12.91
C ALA B 184 2.95 8.19 13.56
N SER B 185 2.70 7.12 12.83
CA SER B 185 2.73 5.78 13.44
C SER B 185 4.14 5.17 13.42
N GLY B 186 5.03 5.73 12.60
CA GLY B 186 6.45 5.32 12.56
C GLY B 186 6.89 4.34 11.49
N PRO B 187 8.22 4.22 11.24
CA PRO B 187 8.71 3.34 10.19
C PRO B 187 8.15 1.96 10.29
N VAL B 188 8.16 1.36 11.48
CA VAL B 188 7.88 -0.03 11.57
C VAL B 188 6.42 -0.35 11.22
N SER B 189 5.49 0.49 11.70
CA SER B 189 4.09 0.26 11.39
C SER B 189 3.89 0.21 9.85
N PHE B 190 4.53 1.13 9.09
CA PHE B 190 4.52 1.12 7.63
C PHE B 190 5.20 -0.08 6.94
N MET B 191 6.32 -0.59 7.47
CA MET B 191 6.88 -1.82 6.92
C MET B 191 5.89 -3.01 6.91
N HIS B 192 4.87 -2.98 7.78
CA HIS B 192 3.83 -4.02 7.82
C HIS B 192 2.94 -3.98 6.55
N VAL B 193 2.69 -2.78 6.06
CA VAL B 193 2.01 -2.59 4.79
C VAL B 193 2.83 -3.15 3.61
N PHE B 194 4.12 -2.89 3.61
CA PHE B 194 5.00 -3.50 2.60
C PHE B 194 4.97 -5.03 2.76
N ASN B 195 5.10 -5.50 3.96
CA ASN B 195 4.94 -6.93 4.09
C ASN B 195 3.65 -7.51 3.54
N SER B 196 2.49 -6.92 3.90
CA SER B 196 1.19 -7.35 3.33
C SER B 196 1.16 -7.30 1.83
N ALA B 197 1.64 -6.20 1.26
CA ALA B 197 1.60 -6.06 -0.19
C ALA B 197 2.34 -7.21 -0.82
N ILE B 198 3.52 -7.54 -0.28
CA ILE B 198 4.39 -8.50 -0.95
C ILE B 198 3.87 -9.91 -0.75
N SER B 199 3.32 -10.17 0.43
CA SER B 199 2.73 -11.46 0.69
C SER B 199 1.60 -11.75 -0.28
N VAL B 200 0.98 -10.70 -0.84
CA VAL B 200 -0.10 -10.94 -1.81
C VAL B 200 0.47 -11.07 -3.21
N VAL B 201 1.32 -10.13 -3.61
CA VAL B 201 1.95 -10.21 -4.91
C VAL B 201 2.67 -11.56 -5.10
N LYS B 202 3.37 -12.04 -4.08
CA LYS B 202 4.04 -13.34 -4.15
C LYS B 202 3.19 -14.60 -3.86
N GLN B 203 1.89 -14.46 -3.69
CA GLN B 203 1.01 -15.64 -3.70
C GLN B 203 0.33 -15.86 -5.08
N ALA B 210 13.36 -11.77 1.54
CA ALA B 210 13.24 -11.55 0.08
C ALA B 210 13.07 -10.06 -0.28
N LEU B 211 12.88 -9.24 0.75
CA LEU B 211 13.02 -7.76 0.69
C LEU B 211 14.06 -7.39 1.73
N MET B 212 14.64 -6.21 1.61
CA MET B 212 15.48 -5.65 2.68
C MET B 212 14.86 -4.41 3.27
N GLY B 213 14.88 -4.32 4.59
CA GLY B 213 14.50 -3.07 5.28
C GLY B 213 15.51 -2.68 6.32
N ILE B 214 16.01 -1.47 6.16
CA ILE B 214 17.01 -0.97 7.08
C ILE B 214 16.40 0.18 7.87
N LEU B 215 16.74 0.24 9.14
CA LEU B 215 16.52 1.43 9.92
C LEU B 215 17.82 1.77 10.59
N ASN B 216 18.26 3.03 10.49
CA ASN B 216 19.52 3.48 11.12
C ASN B 216 19.51 3.35 12.63
N ILE B 217 20.72 3.19 13.16
CA ILE B 217 21.02 3.01 14.57
C ILE B 217 20.57 4.21 15.41
N ASN B 218 20.69 5.44 14.89
CA ASN B 218 20.22 6.60 15.65
C ASN B 218 18.76 7.02 15.53
N HIS B 219 17.92 6.19 14.88
CA HIS B 219 16.47 6.41 14.77
C HIS B 219 15.87 6.13 16.12
N PRO B 220 15.02 7.08 16.60
CA PRO B 220 14.26 6.81 17.83
C PRO B 220 13.46 5.50 17.92
N ASP B 221 13.06 4.88 16.78
CA ASP B 221 12.33 3.59 16.85
C ASP B 221 13.22 2.35 16.64
N ILE B 222 14.53 2.55 16.75
CA ILE B 222 15.48 1.47 16.52
C ILE B 222 15.22 0.24 17.38
N GLU B 223 14.86 0.43 18.64
CA GLU B 223 14.65 -0.71 19.57
C GLU B 223 13.45 -1.54 19.20
N GLU B 224 12.35 -0.86 18.88
CA GLU B 224 11.16 -1.46 18.29
C GLU B 224 11.51 -2.20 17.01
N PHE B 225 12.29 -1.55 16.15
CA PHE B 225 12.77 -2.15 14.91
C PHE B 225 13.59 -3.41 15.12
N ILE B 226 14.50 -3.39 16.08
CA ILE B 226 15.38 -4.54 16.39
C ILE B 226 14.56 -5.75 16.85
N ASP B 227 13.50 -5.50 17.59
CA ASP B 227 12.59 -6.54 18.05
C ASP B 227 11.52 -6.85 17.01
N ALA B 228 11.46 -6.11 15.90
CA ALA B 228 10.35 -6.23 14.93
C ALA B 228 10.03 -7.64 14.39
N LYS B 229 11.02 -8.53 14.37
CA LYS B 229 10.75 -9.90 13.89
C LYS B 229 10.73 -10.98 14.98
N LYS B 230 10.89 -10.52 16.23
CA LYS B 230 10.69 -11.28 17.49
C LYS B 230 9.20 -11.66 17.64
N GLU B 231 8.87 -12.90 18.03
CA GLU B 231 9.78 -14.05 18.29
C GLU B 231 9.28 -14.82 19.51
N ALA B 236 1.32 -9.13 14.18
CA ALA B 236 2.58 -8.49 13.81
C ALA B 236 3.71 -9.51 13.51
N VAL B 237 4.30 -9.38 12.30
CA VAL B 237 5.62 -9.92 11.85
C VAL B 237 5.84 -9.44 10.41
N LEU B 238 7.09 -9.60 9.96
CA LEU B 238 7.53 -9.11 8.69
C LEU B 238 8.32 -10.23 8.05
N ASN B 239 7.62 -11.34 7.88
CA ASN B 239 8.17 -12.54 7.33
C ASN B 239 8.80 -12.40 5.95
N PHE B 240 8.47 -11.36 5.19
CA PHE B 240 9.12 -11.17 3.90
C PHE B 240 10.32 -10.29 3.97
N PHE B 241 10.66 -9.80 5.15
CA PHE B 241 11.80 -8.89 5.20
C PHE B 241 13.00 -9.55 5.75
N ASN B 242 14.17 -9.26 5.20
CA ASN B 242 15.39 -9.32 5.99
C ASN B 242 15.58 -7.94 6.56
N LEU B 243 15.87 -7.87 7.85
CA LEU B 243 16.11 -6.58 8.54
C LEU B 243 17.58 -6.38 8.92
N SER B 244 18.12 -5.21 8.58
CA SER B 244 19.43 -4.81 9.02
C SER B 244 19.46 -3.46 9.70
N VAL B 245 20.31 -3.32 10.72
CA VAL B 245 20.49 -2.04 11.39
C VAL B 245 21.50 -1.27 10.57
N GLY B 246 21.14 -0.05 10.20
CA GLY B 246 21.96 0.76 9.35
C GLY B 246 22.91 1.54 10.20
N PHE B 247 24.08 1.84 9.63
CA PHE B 247 25.16 2.56 10.30
C PHE B 247 25.74 3.57 9.37
N PRO B 248 25.15 4.80 9.33
CA PRO B 248 25.56 5.80 8.34
C PRO B 248 26.89 6.48 8.62
N MET B 249 27.32 6.39 9.86
CA MET B 249 28.53 6.97 10.38
C MET B 249 29.71 5.96 10.26
N ASP B 250 30.92 6.46 10.50
CA ASP B 250 32.14 5.69 10.43
C ASP B 250 32.10 4.45 11.30
N LYS B 251 32.49 3.32 10.73
CA LYS B 251 32.73 2.14 11.56
C LYS B 251 33.64 2.51 12.75
N LYS B 252 34.64 3.37 12.51
CA LYS B 252 35.55 3.98 13.52
C LYS B 252 34.85 4.58 14.71
N GLU B 253 33.97 5.57 14.46
CA GLU B 253 33.18 6.25 15.50
C GLU B 253 32.39 5.28 16.33
N ILE B 254 31.85 4.24 15.69
CA ILE B 254 30.96 3.31 16.38
C ILE B 254 31.77 2.34 17.20
N LEU B 255 32.92 1.92 16.68
CA LEU B 255 33.76 1.00 17.47
C LEU B 255 34.20 1.73 18.78
N LYS B 256 34.76 2.92 18.60
CA LYS B 256 35.23 3.82 19.67
C LYS B 256 34.19 4.11 20.71
N LEU B 257 33.00 4.54 20.27
CA LEU B 257 31.88 4.82 21.17
C LEU B 257 31.55 3.62 22.03
N TYR B 258 31.61 2.44 21.43
CA TYR B 258 31.31 1.20 22.16
C TYR B 258 32.40 0.95 23.24
N GLU B 259 33.67 1.10 22.83
CA GLU B 259 34.87 0.81 23.64
C GLU B 259 34.94 1.73 24.86
N GLU B 260 34.57 2.98 24.61
CA GLU B 260 34.42 4.00 25.64
C GLU B 260 33.11 3.96 26.36
N ASP B 261 32.33 2.91 26.16
CA ASP B 261 30.98 2.79 26.69
C ASP B 261 30.16 4.08 26.51
N GLY B 262 30.23 4.69 25.33
CA GLY B 262 29.52 5.93 25.08
C GLY B 262 27.98 5.84 25.02
N GLU B 263 27.38 7.00 24.69
CA GLU B 263 25.95 7.08 24.41
C GLU B 263 25.67 7.59 23.02
N LEU B 264 24.58 7.06 22.48
CA LEU B 264 24.13 7.45 21.18
C LEU B 264 22.83 8.21 21.37
N GLU B 265 22.80 9.40 20.83
CA GLU B 265 21.60 10.18 20.77
C GLU B 265 20.68 9.73 19.61
N LEU B 266 19.53 9.18 19.97
CA LEU B 266 18.43 8.91 19.02
C LEU B 266 17.67 10.18 18.71
N SER B 267 17.71 10.65 17.47
CA SER B 267 16.91 11.80 17.08
C SER B 267 16.45 11.61 15.63
N HIS B 268 15.53 12.48 15.18
CA HIS B 268 15.04 12.55 13.81
C HIS B 268 14.83 14.02 13.50
N PRO B 269 15.18 14.49 12.29
CA PRO B 269 15.03 15.93 12.03
C PRO B 269 13.57 16.41 12.13
N ARG B 270 12.66 15.70 11.47
CA ARG B 270 11.23 16.04 11.46
C ARG B 270 10.48 15.51 12.68
N SER B 271 11.11 15.62 13.83
CA SER B 271 10.50 15.19 15.08
C SER B 271 11.10 15.93 16.31
N THR B 272 10.45 15.82 17.46
CA THR B 272 11.02 16.34 18.73
C THR B 272 11.25 15.14 19.66
N ILE B 273 10.97 13.93 19.16
CA ILE B 273 11.30 12.71 19.90
C ILE B 273 12.85 12.61 19.97
N ARG B 274 13.40 12.74 21.20
CA ARG B 274 14.84 12.53 21.44
C ARG B 274 14.99 11.54 22.57
N LYS B 275 16.14 10.86 22.65
CA LYS B 275 16.41 9.85 23.68
C LYS B 275 17.89 9.47 23.70
N LYS B 276 18.37 8.98 24.84
CA LYS B 276 19.75 8.49 24.91
C LYS B 276 19.81 7.05 25.37
N VAL B 277 20.59 6.26 24.66
CA VAL B 277 20.79 4.88 25.02
C VAL B 277 22.28 4.63 24.99
N LYS B 278 22.70 3.69 25.82
CA LYS B 278 24.07 3.23 25.85
C LYS B 278 24.32 2.39 24.59
N ILE B 279 25.24 2.84 23.75
CA ILE B 279 25.57 2.11 22.52
C ILE B 279 25.80 0.60 22.77
N ARG B 280 26.31 0.24 23.94
CA ARG B 280 26.48 -1.19 24.30
C ARG B 280 25.19 -1.94 24.58
N GLU B 281 24.20 -1.28 25.16
CA GLU B 281 22.90 -1.95 25.43
C GLU B 281 22.19 -2.27 24.12
N LEU B 282 22.26 -1.33 23.18
CA LEU B 282 21.70 -1.46 21.86
C LEU B 282 22.35 -2.65 21.15
N PHE B 283 23.69 -2.74 21.19
CA PHE B 283 24.43 -3.82 20.54
C PHE B 283 24.08 -5.16 21.13
N ARG B 284 23.91 -5.21 22.44
CA ARG B 284 23.49 -6.44 23.11
C ARG B 284 22.08 -6.83 22.68
N LYS B 285 21.25 -5.82 22.44
CA LYS B 285 19.88 -6.05 21.97
C LYS B 285 19.95 -6.69 20.62
N ILE B 286 20.70 -6.09 19.70
CA ILE B 286 20.93 -6.69 18.39
C ILE B 286 21.42 -8.13 18.51
N ALA B 287 22.54 -8.36 19.22
CA ALA B 287 23.16 -9.70 19.36
C ALA B 287 22.21 -10.76 19.93
N THR B 288 21.36 -10.34 20.85
CA THR B 288 20.44 -11.26 21.50
C THR B 288 19.41 -11.76 20.51
N ASN B 289 18.91 -10.85 19.69
CA ASN B 289 17.96 -11.21 18.66
C ASN B 289 18.52 -12.08 17.56
N ALA B 290 19.69 -11.66 17.06
CA ALA B 290 20.50 -12.42 16.12
C ALA B 290 20.89 -13.76 16.71
N TRP B 291 21.18 -13.79 18.00
CA TRP B 291 21.53 -15.06 18.62
C TRP B 291 20.37 -16.04 18.53
N LYS B 292 19.16 -15.50 18.69
CA LYS B 292 17.92 -16.29 18.65
C LYS B 292 17.45 -16.67 17.25
N SER B 293 17.51 -15.73 16.30
CA SER B 293 16.82 -15.95 15.04
C SER B 293 17.49 -15.47 13.77
N GLY B 294 18.65 -14.81 13.89
CA GLY B 294 19.38 -14.38 12.72
C GLY B 294 19.27 -12.92 12.42
N ASP B 295 18.17 -12.28 12.80
CA ASP B 295 17.87 -10.90 12.43
C ASP B 295 17.95 -10.04 13.72
N PRO B 296 18.30 -8.75 13.62
CA PRO B 296 18.71 -8.04 12.41
C PRO B 296 20.21 -8.21 12.06
N GLY B 297 20.54 -8.08 10.79
CA GLY B 297 21.93 -7.99 10.38
C GLY B 297 22.40 -6.56 10.64
N LEU B 298 23.65 -6.25 10.27
CA LEU B 298 24.25 -4.89 10.35
C LEU B 298 24.63 -4.43 8.96
N ALA B 299 24.46 -3.15 8.67
CA ALA B 299 24.78 -2.64 7.37
C ALA B 299 25.62 -1.41 7.52
N PHE B 300 26.90 -1.53 7.17
CA PHE B 300 27.85 -0.48 7.47
C PHE B 300 27.79 0.50 6.36
N LEU B 301 26.65 1.19 6.32
CA LEU B 301 26.36 2.11 5.26
C LEU B 301 27.45 3.14 5.06
N GLY B 302 28.01 3.65 6.15
CA GLY B 302 29.08 4.69 6.07
C GLY B 302 30.35 4.15 5.43
N GLU B 303 30.63 2.88 5.63
CA GLU B 303 31.77 2.26 4.99
C GLU B 303 31.53 2.12 3.50
N MET B 304 30.25 1.96 3.11
CA MET B 304 29.88 1.77 1.70
C MET B 304 30.10 3.08 0.99
N ASN B 305 29.66 4.14 1.66
CA ASN B 305 29.80 5.50 1.13
C ASN B 305 31.25 6.01 1.04
N LYS B 306 32.07 5.61 2.00
CA LYS B 306 33.54 5.81 1.95
C LYS B 306 34.12 5.41 0.62
N TYR B 307 33.65 4.28 0.10
CA TYR B 307 34.12 3.74 -1.18
C TYR B 307 33.23 4.02 -2.34
N TYR B 308 32.27 4.94 -2.15
CA TYR B 308 31.25 5.14 -3.17
C TYR B 308 31.76 6.25 -4.07
N PRO B 309 32.09 5.90 -5.32
CA PRO B 309 32.64 6.94 -6.20
C PRO B 309 31.76 8.16 -6.39
N LEU B 310 30.48 8.09 -6.02
CA LEU B 310 29.58 9.20 -6.33
C LEU B 310 29.08 9.93 -5.10
N TYR B 311 29.62 9.53 -3.94
CA TYR B 311 29.41 10.18 -2.66
C TYR B 311 30.18 11.51 -2.53
N PRO B 312 29.58 12.56 -1.91
CA PRO B 312 28.24 12.67 -1.30
C PRO B 312 27.16 13.24 -2.20
N HIS B 313 27.47 13.51 -3.46
CA HIS B 313 26.39 13.89 -4.35
C HIS B 313 25.49 12.72 -4.80
N ARG B 314 25.75 11.54 -4.26
CA ARG B 314 24.77 10.47 -4.19
C ARG B 314 25.14 9.68 -2.99
N LYS B 315 24.17 8.98 -2.44
CA LYS B 315 24.35 8.35 -1.16
C LYS B 315 23.70 6.99 -1.20
N ILE B 316 24.45 5.99 -0.75
CA ILE B 316 23.99 4.63 -0.49
C ILE B 316 23.31 4.56 0.85
N ASN B 317 21.99 4.34 0.83
CA ASN B 317 21.20 4.24 2.07
C ASN B 317 20.71 2.85 2.33
N SER B 318 20.79 2.00 1.32
CA SER B 318 20.28 0.65 1.48
C SER B 318 21.04 -0.30 0.63
N THR B 319 20.97 -1.57 1.03
CA THR B 319 21.30 -2.59 0.11
C THR B 319 20.04 -3.30 -0.45
N ASN B 320 20.32 -4.35 -1.21
CA ASN B 320 19.34 -5.21 -1.80
C ASN B 320 19.03 -6.30 -0.78
N PRO B 321 18.02 -7.14 -1.05
CA PRO B 321 17.68 -8.12 -0.01
C PRO B 321 18.79 -8.92 0.63
N CYS B 322 19.88 -9.23 -0.09
CA CYS B 322 20.92 -10.09 0.51
C CYS B 322 22.23 -9.44 0.98
N GLY B 323 22.35 -8.13 0.77
CA GLY B 323 23.46 -7.39 1.29
C GLY B 323 24.55 -6.95 0.35
N GLU B 324 24.61 -7.53 -0.86
CA GLU B 324 25.84 -7.51 -1.65
C GLU B 324 25.96 -6.27 -2.53
N ILE B 325 24.84 -5.61 -2.81
CA ILE B 325 24.96 -4.33 -3.50
C ILE B 325 24.36 -3.31 -2.58
N GLY B 326 25.17 -2.32 -2.22
CA GLY B 326 24.70 -1.11 -1.61
C GLY B 326 24.39 -0.20 -2.79
N LEU B 327 23.21 0.41 -2.78
CA LEU B 327 22.70 1.14 -3.92
C LEU B 327 22.14 2.51 -3.52
N SER B 328 22.31 3.49 -4.40
CA SER B 328 21.66 4.76 -4.31
C SER B 328 20.19 4.70 -4.78
N ASP B 329 19.44 5.79 -4.60
CA ASP B 329 17.97 5.74 -4.79
C ASP B 329 17.58 5.42 -6.20
N TYR B 330 16.76 4.38 -6.36
CA TYR B 330 16.27 3.95 -7.69
C TYR B 330 17.32 3.28 -8.54
N GLU B 331 18.41 2.87 -7.89
CA GLU B 331 19.44 2.15 -8.60
C GLU B 331 19.14 0.66 -8.55
N ALA B 332 19.47 -0.03 -9.63
CA ALA B 332 19.36 -1.48 -9.70
C ALA B 332 20.72 -1.99 -10.17
N CYS B 333 20.95 -3.29 -10.02
CA CYS B 333 22.22 -3.83 -10.48
C CYS B 333 22.00 -5.26 -10.92
N ASN B 334 22.52 -5.58 -12.11
CA ASN B 334 22.51 -6.96 -12.59
C ASN B 334 23.80 -7.72 -12.21
N LEU B 335 23.65 -8.95 -11.72
CA LEU B 335 24.77 -9.76 -11.30
C LEU B 335 25.11 -10.92 -12.24
N GLY B 336 26.31 -11.47 -12.03
CA GLY B 336 26.78 -12.65 -12.72
C GLY B 336 28.01 -13.20 -12.03
N SER B 337 28.20 -14.51 -12.11
CA SER B 337 29.20 -15.18 -11.30
C SER B 337 30.03 -16.11 -12.16
N ILE B 338 31.31 -16.08 -11.90
CA ILE B 338 32.28 -16.93 -12.54
C ILE B 338 32.54 -18.12 -11.63
N ASP B 339 32.37 -19.34 -12.14
CA ASP B 339 32.66 -20.52 -11.38
C ASP B 339 34.16 -20.79 -11.30
N VAL B 340 34.81 -20.37 -10.23
CA VAL B 340 36.28 -20.51 -10.18
C VAL B 340 36.77 -21.96 -10.01
N ALA B 341 35.86 -22.87 -9.64
CA ALA B 341 36.22 -24.28 -9.46
C ALA B 341 36.57 -24.96 -10.81
N LYS B 342 35.99 -24.44 -11.88
CA LYS B 342 36.28 -24.86 -13.25
C LYS B 342 37.63 -24.30 -13.76
N PHE B 343 38.25 -23.42 -12.98
CA PHE B 343 39.51 -22.82 -13.39
C PHE B 343 40.74 -23.53 -12.80
N TYR B 344 40.52 -24.68 -12.17
CA TYR B 344 41.62 -25.44 -11.57
C TYR B 344 42.36 -26.18 -12.67
N ASN B 345 43.68 -26.18 -12.59
CA ASN B 345 44.52 -26.85 -13.60
C ASN B 345 45.89 -27.18 -12.98
N ASN B 346 46.15 -28.46 -12.77
CA ASN B 346 47.50 -28.92 -12.35
C ASN B 346 47.96 -28.38 -11.01
N GLY B 347 47.03 -28.21 -10.09
CA GLY B 347 47.36 -27.60 -8.81
C GLY B 347 47.35 -26.09 -8.87
N PHE B 348 46.97 -25.51 -10.01
CA PHE B 348 46.89 -24.03 -10.10
C PHE B 348 45.59 -23.49 -10.68
N VAL B 349 45.30 -22.23 -10.34
CA VAL B 349 44.20 -21.54 -10.99
C VAL B 349 44.72 -21.02 -12.34
N ASP B 350 44.10 -21.50 -13.42
CA ASP B 350 44.51 -21.06 -14.74
C ASP B 350 44.16 -19.58 -14.89
N LEU B 351 45.07 -18.71 -14.49
CA LEU B 351 44.86 -17.26 -14.60
C LEU B 351 44.86 -16.73 -16.01
N GLU B 352 45.27 -17.53 -17.00
CA GLU B 352 45.32 -17.00 -18.36
C GLU B 352 43.89 -16.92 -18.85
N ALA B 353 43.21 -18.06 -18.73
CA ALA B 353 41.84 -18.25 -19.04
C ALA B 353 40.92 -17.36 -18.20
N LEU B 354 41.30 -17.13 -16.92
CA LEU B 354 40.48 -16.32 -16.01
C LEU B 354 40.37 -14.91 -16.47
N GLN B 355 41.48 -14.31 -16.82
CA GLN B 355 41.45 -12.92 -17.25
C GLN B 355 40.64 -12.69 -18.52
N GLU B 356 40.74 -13.61 -19.48
CA GLU B 356 39.90 -13.62 -20.67
C GLU B 356 38.40 -13.71 -20.25
N LEU B 357 38.04 -14.60 -19.32
CA LEU B 357 36.62 -14.69 -18.89
C LEU B 357 36.11 -13.39 -18.23
N VAL B 358 36.92 -12.87 -17.29
CA VAL B 358 36.66 -11.60 -16.62
C VAL B 358 36.37 -10.47 -17.59
N GLN B 359 37.08 -10.44 -18.72
CA GLN B 359 36.86 -9.47 -19.79
C GLN B 359 35.52 -9.69 -20.50
N ILE B 360 35.23 -10.94 -20.80
CA ILE B 360 34.01 -11.33 -21.47
C ILE B 360 32.80 -11.06 -20.56
N ALA B 361 33.00 -11.33 -19.27
CA ALA B 361 31.98 -11.25 -18.24
C ALA B 361 31.60 -9.82 -17.96
N VAL B 362 32.57 -8.93 -17.92
CA VAL B 362 32.24 -7.52 -17.72
C VAL B 362 31.46 -6.99 -18.92
N ARG B 363 31.90 -7.32 -20.12
CA ARG B 363 31.16 -6.88 -21.32
C ARG B 363 29.71 -7.40 -21.35
N PHE B 364 29.52 -8.67 -21.05
CA PHE B 364 28.21 -9.28 -21.00
C PHE B 364 27.34 -8.49 -20.01
N LEU B 365 27.84 -8.31 -18.79
CA LEU B 365 27.10 -7.57 -17.76
C LEU B 365 26.79 -6.12 -18.13
N ASP B 366 27.72 -5.43 -18.78
CA ASP B 366 27.45 -4.10 -19.25
C ASP B 366 26.41 -4.13 -20.35
N ASN B 367 26.40 -5.22 -21.12
CA ASN B 367 25.50 -5.29 -22.24
C ASN B 367 24.08 -5.58 -21.76
N VAL B 368 23.94 -6.37 -20.69
CA VAL B 368 22.61 -6.58 -20.08
C VAL B 368 21.84 -5.28 -19.73
N ILE B 369 22.55 -4.29 -19.21
CA ILE B 369 21.97 -2.98 -19.00
C ILE B 369 21.20 -2.48 -20.22
N ASP B 370 21.80 -2.57 -21.40
CA ASP B 370 21.19 -1.97 -22.60
C ASP B 370 19.95 -2.75 -23.13
N VAL B 371 19.78 -3.99 -22.72
CA VAL B 371 18.64 -4.77 -23.20
C VAL B 371 17.61 -5.06 -22.08
N ASN B 372 17.98 -4.66 -20.87
CA ASN B 372 17.10 -4.68 -19.68
C ASN B 372 15.90 -3.73 -19.83
N VAL B 373 14.74 -4.15 -19.31
CA VAL B 373 13.57 -3.29 -19.19
C VAL B 373 13.10 -3.22 -17.74
N PHE B 374 13.06 -2.01 -17.18
CA PHE B 374 12.55 -1.78 -15.81
C PHE B 374 11.14 -1.14 -15.81
N PRO B 375 10.35 -1.40 -14.75
CA PRO B 375 8.96 -0.89 -14.56
C PRO B 375 8.79 0.57 -14.22
N ILE B 376 9.88 1.30 -14.01
CA ILE B 376 9.87 2.59 -13.38
C ILE B 376 10.95 3.39 -14.10
N ASP B 377 10.58 4.58 -14.61
CA ASP B 377 11.49 5.43 -15.40
C ASP B 377 12.69 5.94 -14.61
N LYS B 378 12.49 6.18 -13.32
CA LYS B 378 13.55 6.66 -12.44
C LYS B 378 14.61 5.56 -12.25
N ILE B 379 14.21 4.31 -12.44
CA ILE B 379 15.15 3.21 -12.34
C ILE B 379 15.96 3.12 -13.60
N THR B 380 15.28 3.22 -14.72
CA THR B 380 15.92 3.24 -16.02
C THR B 380 17.01 4.30 -16.12
N LYS B 381 16.67 5.52 -15.70
CA LYS B 381 17.59 6.65 -15.70
C LYS B 381 18.75 6.54 -14.67
N ALA B 382 18.50 5.96 -13.50
CA ALA B 382 19.55 5.77 -12.49
C ALA B 382 20.60 4.77 -12.96
N VAL B 383 20.16 3.74 -13.67
CA VAL B 383 21.06 2.70 -14.13
C VAL B 383 21.90 3.22 -15.30
N LYS B 384 21.28 4.03 -16.13
CA LYS B 384 21.94 4.57 -17.34
C LYS B 384 23.10 5.47 -17.01
N GLU B 385 22.94 6.20 -15.92
CA GLU B 385 23.90 7.20 -15.49
C GLU B 385 25.08 6.58 -14.75
N SER B 386 24.84 5.47 -14.04
CA SER B 386 25.89 4.82 -13.25
C SER B 386 26.49 3.54 -13.88
N ARG B 387 25.64 2.71 -14.50
CA ARG B 387 26.05 1.43 -15.12
C ARG B 387 26.84 0.54 -14.13
N ARG B 388 26.41 0.52 -12.88
CA ARG B 388 26.94 -0.40 -11.87
C ARG B 388 26.81 -1.83 -12.31
N LEU B 389 27.89 -2.64 -12.15
CA LEU B 389 27.82 -4.12 -12.37
C LEU B 389 28.15 -4.84 -11.10
N GLY B 390 27.73 -6.10 -11.05
CA GLY B 390 27.99 -7.00 -9.94
C GLY B 390 28.58 -8.31 -10.41
N LEU B 391 29.82 -8.25 -10.85
CA LEU B 391 30.52 -9.45 -11.22
C LEU B 391 31.06 -10.14 -9.99
N GLY B 392 30.75 -11.42 -9.82
CA GLY B 392 31.30 -12.15 -8.69
C GLY B 392 31.85 -13.52 -8.97
N ILE B 393 31.98 -14.33 -7.92
CA ILE B 393 32.43 -15.71 -8.09
C ILE B 393 31.53 -16.71 -7.34
N MET B 394 31.47 -17.93 -7.86
CA MET B 394 30.91 -19.05 -7.12
C MET B 394 31.98 -20.15 -7.15
N GLY B 395 31.76 -21.26 -6.48
CA GLY B 395 32.66 -22.41 -6.60
C GLY B 395 33.98 -22.31 -5.88
N PHE B 396 34.13 -21.22 -5.11
CA PHE B 396 35.37 -20.89 -4.36
C PHE B 396 35.82 -21.94 -3.38
N ALA B 397 34.88 -22.39 -2.56
CA ALA B 397 35.09 -23.51 -1.62
C ALA B 397 35.57 -24.78 -2.29
N ASP B 398 34.88 -25.16 -3.39
CA ASP B 398 35.21 -26.33 -4.20
C ASP B 398 36.59 -26.18 -4.82
N LEU B 399 36.89 -24.99 -5.36
CA LEU B 399 38.24 -24.70 -5.77
C LEU B 399 39.30 -24.97 -4.69
N LEU B 400 39.05 -24.54 -3.45
CA LEU B 400 39.99 -24.76 -2.35
C LEU B 400 40.17 -26.26 -2.00
N TYR B 401 39.09 -27.05 -2.07
CA TYR B 401 39.16 -28.50 -2.00
C TYR B 401 40.14 -29.11 -3.04
N LYS B 402 39.98 -28.72 -4.31
CA LYS B 402 40.89 -29.08 -5.42
C LYS B 402 42.36 -28.68 -5.19
N LEU B 403 42.59 -27.48 -4.65
CA LEU B 403 43.96 -27.00 -4.34
C LEU B 403 44.50 -27.50 -3.00
N GLU B 404 43.66 -28.23 -2.27
CA GLU B 404 44.05 -28.79 -0.99
C GLU B 404 44.43 -27.69 0.01
N ILE B 405 43.52 -26.73 0.11
CA ILE B 405 43.65 -25.60 0.99
C ILE B 405 42.46 -25.58 1.96
N PRO B 406 42.76 -25.62 3.29
CA PRO B 406 41.67 -25.60 4.28
C PRO B 406 41.09 -24.18 4.34
N TYR B 407 39.77 -24.05 4.26
CA TYR B 407 39.08 -22.75 4.19
C TYR B 407 39.43 -21.90 5.43
N ASN B 408 39.49 -22.54 6.60
CA ASN B 408 39.86 -21.86 7.81
C ASN B 408 41.37 -21.89 8.04
N SER B 409 42.08 -21.06 7.30
CA SER B 409 43.53 -20.98 7.37
C SER B 409 43.92 -19.66 6.75
N GLN B 410 45.01 -19.08 7.24
CA GLN B 410 45.58 -17.92 6.57
C GLN B 410 45.98 -18.15 5.11
N GLU B 411 46.25 -19.40 4.75
CA GLU B 411 46.68 -19.67 3.38
C GLU B 411 45.52 -19.36 2.43
N ALA B 412 44.36 -19.91 2.79
CA ALA B 412 43.12 -19.74 2.08
C ALA B 412 42.76 -18.27 1.89
N ARG B 413 42.93 -17.45 2.93
CA ARG B 413 42.54 -16.03 2.87
C ARG B 413 43.49 -15.18 2.07
N ASP B 414 44.78 -15.52 2.14
CA ASP B 414 45.79 -14.87 1.29
C ASP B 414 45.55 -15.31 -0.17
N PHE B 415 45.22 -16.59 -0.36
CA PHE B 415 44.77 -17.03 -1.69
C PHE B 415 43.53 -16.25 -2.23
N ALA B 416 42.54 -16.04 -1.34
CA ALA B 416 41.28 -15.33 -1.68
C ALA B 416 41.56 -13.95 -2.07
N ALA B 417 42.26 -13.25 -1.19
CA ALA B 417 42.59 -11.85 -1.44
C ALA B 417 43.27 -11.65 -2.80
N ASN B 418 44.22 -12.54 -3.15
CA ASN B 418 44.98 -12.44 -4.44
C ASN B 418 44.18 -12.70 -5.69
N LEU B 419 43.42 -13.82 -5.63
CA LEU B 419 42.35 -14.21 -6.58
C LEU B 419 41.41 -13.04 -6.82
N MET B 420 40.80 -12.53 -5.75
CA MET B 420 39.88 -11.36 -5.85
C MET B 420 40.55 -10.09 -6.39
N ALA B 421 41.79 -9.85 -5.97
CA ALA B 421 42.64 -8.74 -6.53
C ALA B 421 42.88 -8.84 -8.03
N PHE B 422 43.29 -10.03 -8.47
CA PHE B 422 43.44 -10.34 -9.90
C PHE B 422 42.14 -10.04 -10.69
N ILE B 423 41.04 -10.66 -10.27
CA ILE B 423 39.72 -10.41 -10.84
C ILE B 423 39.43 -8.91 -10.82
N ALA B 424 39.60 -8.23 -9.68
CA ALA B 424 39.33 -6.80 -9.59
C ALA B 424 40.10 -5.98 -10.62
N LEU B 425 41.38 -6.33 -10.78
CA LEU B 425 42.31 -5.67 -11.71
C LEU B 425 41.81 -5.69 -13.14
N HIS B 426 41.49 -6.86 -13.63
CA HIS B 426 41.08 -7.00 -15.03
C HIS B 426 39.66 -6.56 -15.33
N ALA B 427 38.81 -6.59 -14.30
CA ALA B 427 37.44 -6.12 -14.44
C ALA B 427 37.49 -4.61 -14.61
N HIS B 428 38.24 -3.93 -13.75
CA HIS B 428 38.41 -2.50 -13.85
C HIS B 428 39.16 -2.03 -15.11
N ARG B 429 40.12 -2.83 -15.58
CA ARG B 429 40.82 -2.62 -16.86
C ARG B 429 39.83 -2.82 -18.02
N THR B 430 39.03 -3.88 -17.94
CA THR B 430 37.92 -4.06 -18.89
C THR B 430 36.96 -2.87 -18.93
N SER B 431 36.70 -2.23 -17.81
CA SER B 431 35.78 -1.10 -17.77
C SER B 431 36.38 0.13 -18.44
N TYR B 432 37.69 0.34 -18.23
CA TYR B 432 38.44 1.43 -18.89
C TYR B 432 38.28 1.28 -20.40
N GLU B 433 38.54 0.07 -20.87
CA GLU B 433 38.48 -0.28 -22.29
C GLU B 433 37.11 -0.18 -22.93
N LEU B 434 36.06 -0.51 -22.18
CA LEU B 434 34.67 -0.31 -22.63
C LEU B 434 34.28 1.17 -22.64
N GLY B 435 34.79 1.89 -21.65
CA GLY B 435 34.64 3.33 -21.59
C GLY B 435 35.15 3.98 -22.87
N LYS B 436 36.37 3.60 -23.29
CA LYS B 436 36.96 3.93 -24.60
C LYS B 436 36.08 3.58 -25.80
N GLU B 437 35.68 2.31 -25.87
CA GLU B 437 34.91 1.77 -27.01
C GLU B 437 33.46 2.25 -27.14
N LYS B 438 32.80 2.51 -26.00
CA LYS B 438 31.33 2.67 -26.02
C LYS B 438 30.86 4.01 -25.48
N GLY B 439 31.65 4.63 -24.62
CA GLY B 439 31.19 5.78 -23.84
C GLY B 439 31.47 5.62 -22.36
N ASN B 440 31.77 6.71 -21.68
CA ASN B 440 31.93 6.67 -20.24
C ASN B 440 30.55 6.62 -19.60
N PHE B 441 30.47 6.16 -18.34
CA PHE B 441 29.19 6.25 -17.66
C PHE B 441 28.90 7.75 -17.47
N PRO B 442 27.69 8.17 -17.85
CA PRO B 442 27.34 9.56 -17.71
C PRO B 442 27.91 10.28 -16.47
N LEU B 443 27.96 9.66 -15.30
CA LEU B 443 28.39 10.42 -14.12
C LEU B 443 29.90 10.41 -13.78
N LEU B 444 30.74 9.90 -14.68
CA LEU B 444 32.22 9.91 -14.54
C LEU B 444 32.81 11.28 -14.12
N GLU B 445 32.35 12.35 -14.77
CA GLU B 445 32.80 13.71 -14.45
C GLU B 445 32.64 14.11 -12.98
N ILE B 446 31.52 13.75 -12.36
CA ILE B 446 31.32 14.14 -10.99
C ILE B 446 31.73 13.10 -9.94
N SER B 447 32.43 12.05 -10.36
CA SER B 447 32.80 10.97 -9.45
C SER B 447 34.27 11.12 -9.04
N ARG B 448 34.62 10.43 -7.97
CA ARG B 448 35.92 10.52 -7.36
C ARG B 448 36.99 9.84 -8.20
N TYR B 449 36.60 9.01 -9.17
CA TYR B 449 37.58 8.55 -10.17
C TYR B 449 38.20 9.73 -10.95
N ARG B 450 37.50 10.87 -10.94
CA ARG B 450 37.87 12.07 -11.71
C ARG B 450 38.33 13.20 -10.80
N THR B 451 37.43 13.64 -9.94
CA THR B 451 37.60 14.77 -9.02
C THR B 451 38.60 14.56 -7.88
N GLU B 452 39.15 13.35 -7.80
CA GLU B 452 40.05 12.98 -6.74
C GLU B 452 41.26 12.34 -7.40
N ASP B 453 42.35 12.22 -6.66
CA ASP B 453 43.49 11.44 -7.15
C ASP B 453 43.78 10.29 -6.19
N ASN B 454 44.21 9.17 -6.75
CA ASN B 454 44.41 7.95 -5.96
C ASN B 454 43.17 7.47 -5.16
N PHE B 455 41.95 7.85 -5.58
CA PHE B 455 40.74 7.16 -5.11
C PHE B 455 40.74 5.70 -5.54
N VAL B 456 40.56 4.77 -4.60
CA VAL B 456 40.35 3.33 -4.92
C VAL B 456 39.08 2.88 -4.14
N PRO B 457 38.16 2.15 -4.80
CA PRO B 457 36.88 1.84 -4.13
C PRO B 457 36.86 0.53 -3.32
N PHE B 458 38.01 0.11 -2.82
CA PHE B 458 38.07 -0.92 -1.82
C PHE B 458 39.40 -0.73 -1.08
N ALA B 459 39.51 -1.32 0.11
CA ALA B 459 40.65 -1.08 1.00
C ALA B 459 41.98 -1.70 0.55
N MET B 460 41.93 -2.82 -0.19
CA MET B 460 43.15 -3.61 -0.54
C MET B 460 43.98 -3.91 0.68
N GLY B 461 45.24 -4.37 0.46
CA GLY B 461 46.25 -4.36 1.52
C GLY B 461 46.57 -5.77 1.82
N MET B 462 46.23 -6.66 0.89
CA MET B 462 46.44 -8.09 1.05
C MET B 462 46.71 -8.77 -0.28
N SER B 463 47.32 -8.03 -1.20
CA SER B 463 47.85 -8.62 -2.43
C SER B 463 49.06 -7.83 -2.95
N ASN B 464 49.86 -8.48 -3.80
CA ASN B 464 50.85 -7.80 -4.64
C ASN B 464 50.29 -7.19 -5.92
N TYR B 465 48.97 -7.23 -6.11
CA TYR B 465 48.43 -6.52 -7.27
C TYR B 465 48.07 -5.11 -6.96
N ASP B 466 48.23 -4.71 -5.68
CA ASP B 466 47.74 -3.40 -5.23
C ASP B 466 48.27 -2.33 -6.14
N ASP B 467 49.57 -2.42 -6.44
CA ASP B 467 50.27 -1.31 -7.11
C ASP B 467 49.66 -1.12 -8.47
N GLU B 468 49.62 -2.21 -9.22
CA GLU B 468 48.92 -2.35 -10.49
C GLU B 468 47.45 -1.87 -10.47
N ILE B 469 46.74 -2.22 -9.39
CA ILE B 469 45.32 -1.82 -9.24
C ILE B 469 45.24 -0.36 -9.05
N ARG B 470 46.16 0.18 -8.25
CA ARG B 470 46.19 1.58 -7.92
C ARG B 470 46.43 2.48 -9.18
N GLU B 471 47.01 1.87 -10.21
CA GLU B 471 47.34 2.52 -11.49
C GLU B 471 46.28 2.31 -12.58
N VAL B 472 45.64 1.13 -12.64
CA VAL B 472 44.40 1.02 -13.43
C VAL B 472 43.34 2.03 -12.96
N MET B 473 43.33 2.29 -11.67
CA MET B 473 42.38 3.25 -11.10
C MET B 473 42.66 4.68 -11.50
N LYS B 474 43.93 4.96 -11.82
CA LYS B 474 44.30 6.28 -12.34
C LYS B 474 43.91 6.42 -13.81
N MET B 475 44.04 5.33 -14.57
CA MET B 475 43.58 5.30 -15.96
C MET B 475 42.11 5.64 -16.13
N THR B 476 41.30 5.09 -15.23
CA THR B 476 39.85 5.24 -15.26
C THR B 476 39.41 6.67 -14.96
N LYS B 477 40.39 7.56 -14.79
CA LYS B 477 40.15 9.03 -14.84
C LYS B 477 39.60 9.43 -16.22
N GLU B 478 40.19 8.87 -17.27
CA GLU B 478 39.79 9.21 -18.64
C GLU B 478 38.67 8.35 -19.20
N PHE B 479 38.74 7.06 -18.94
CA PHE B 479 37.72 6.18 -19.46
C PHE B 479 37.24 5.21 -18.39
N ARG B 480 35.92 5.00 -18.36
CA ARG B 480 35.32 4.08 -17.41
C ARG B 480 33.85 3.93 -17.77
N ARG B 481 33.47 2.68 -18.01
CA ARG B 481 32.13 2.36 -18.48
C ARG B 481 31.15 2.28 -17.31
N ASN B 482 31.68 1.88 -16.15
CA ASN B 482 30.87 1.48 -14.99
C ASN B 482 31.37 2.11 -13.69
N VAL B 483 30.47 2.50 -12.81
CA VAL B 483 30.84 3.07 -11.48
C VAL B 483 31.44 2.05 -10.46
N ALA B 484 30.97 0.81 -10.47
CA ALA B 484 31.61 -0.26 -9.69
C ALA B 484 31.32 -1.54 -10.43
N LEU B 485 32.01 -2.65 -10.12
CA LEU B 485 31.90 -3.84 -10.99
C LEU B 485 31.82 -5.16 -10.30
N LEU B 486 32.19 -5.19 -9.02
CA LEU B 486 32.37 -6.48 -8.31
C LEU B 486 31.41 -6.61 -7.16
N THR B 487 31.07 -7.84 -6.86
CA THR B 487 30.31 -8.15 -5.66
C THR B 487 30.45 -9.67 -5.45
N ILE B 488 30.21 -10.19 -4.26
CA ILE B 488 30.06 -11.67 -4.14
C ILE B 488 28.62 -11.87 -3.65
N ALA B 489 27.83 -12.56 -4.48
CA ALA B 489 26.40 -12.79 -4.28
C ALA B 489 26.19 -14.14 -3.55
N PRO B 490 24.99 -14.37 -2.96
CA PRO B 490 24.71 -15.73 -2.44
C PRO B 490 24.86 -16.87 -3.47
N THR B 491 24.49 -16.65 -4.74
CA THR B 491 24.44 -17.71 -5.81
C THR B 491 23.64 -18.99 -5.44
N GLY B 492 22.51 -18.78 -4.78
CA GLY B 492 21.68 -19.86 -4.28
C GLY B 492 21.26 -20.81 -5.37
N SER B 493 20.70 -20.26 -6.45
CA SER B 493 20.27 -21.07 -7.59
C SER B 493 21.33 -21.37 -8.63
N ILE B 494 22.05 -20.35 -9.10
CA ILE B 494 23.00 -20.52 -10.20
C ILE B 494 24.21 -21.41 -9.86
N SER B 495 24.60 -21.45 -8.60
CA SER B 495 25.67 -22.38 -8.21
C SER B 495 25.12 -23.82 -8.36
N ASN B 496 23.85 -24.05 -8.03
CA ASN B 496 23.17 -25.32 -8.31
C ASN B 496 23.10 -25.71 -9.81
N ILE B 497 22.79 -24.72 -10.67
CA ILE B 497 22.92 -24.86 -12.12
C ILE B 497 24.35 -25.25 -12.58
N ALA B 498 25.35 -24.66 -11.95
CA ALA B 498 26.75 -24.84 -12.32
C ALA B 498 27.38 -26.03 -11.62
N ASP B 499 26.59 -26.71 -10.80
CA ASP B 499 27.09 -27.81 -9.98
C ASP B 499 28.37 -27.43 -9.24
N THR B 500 28.31 -26.36 -8.46
CA THR B 500 29.52 -25.87 -7.78
C THR B 500 29.08 -25.34 -6.44
N SER B 501 30.04 -24.96 -5.60
CA SER B 501 29.75 -24.23 -4.34
C SER B 501 29.29 -22.76 -4.52
N SER B 502 28.58 -22.28 -3.51
CA SER B 502 27.93 -20.98 -3.56
C SER B 502 28.82 -19.80 -3.18
N GLY B 503 28.88 -18.77 -4.01
CA GLY B 503 29.68 -17.59 -3.72
C GLY B 503 31.04 -17.93 -3.10
N LEU B 504 31.44 -17.12 -2.11
CA LEU B 504 32.62 -17.40 -1.31
C LEU B 504 32.42 -18.40 -0.16
N GLU B 505 31.19 -18.89 0.06
CA GLU B 505 30.87 -19.70 1.25
C GLU B 505 31.52 -21.09 1.29
N PRO B 506 31.87 -21.60 2.52
CA PRO B 506 32.22 -23.01 2.62
C PRO B 506 31.05 -23.87 2.26
N ASN B 507 31.34 -25.05 1.76
CA ASN B 507 30.26 -26.00 1.59
C ASN B 507 29.59 -26.13 2.93
N PHE B 508 28.28 -25.98 2.97
CA PHE B 508 27.62 -26.20 4.24
C PHE B 508 27.69 -27.68 4.63
N LEU B 509 27.55 -28.60 3.66
CA LEU B 509 27.73 -30.05 3.93
C LEU B 509 28.34 -30.78 2.73
N LEU B 510 29.04 -31.89 3.00
CA LEU B 510 29.62 -32.74 1.96
C LEU B 510 28.68 -33.82 1.40
N ALA B 511 27.68 -34.20 2.19
CA ALA B 511 26.71 -35.17 1.79
C ALA B 511 25.36 -34.69 2.34
N TYR B 512 24.35 -34.58 1.47
CA TYR B 512 23.01 -34.13 1.88
C TYR B 512 21.87 -34.64 1.02
N THR B 513 21.34 -35.80 1.38
CA THR B 513 20.19 -36.38 0.69
C THR B 513 18.89 -35.56 0.79
N ARG B 514 18.96 -34.24 0.64
CA ARG B 514 17.75 -33.41 0.82
C ARG B 514 17.53 -32.33 -0.25
N VAL B 529 26.58 -36.12 -2.39
CA VAL B 529 28.01 -36.23 -2.04
C VAL B 529 28.89 -35.35 -2.92
N ASN B 530 29.55 -34.37 -2.29
CA ASN B 530 30.45 -33.43 -2.97
C ASN B 530 31.37 -34.11 -3.97
N GLN B 531 31.48 -33.54 -5.18
CA GLN B 531 32.17 -34.20 -6.29
C GLN B 531 33.68 -34.27 -6.15
N VAL B 532 34.26 -33.25 -5.54
CA VAL B 532 35.70 -33.21 -5.28
C VAL B 532 36.08 -34.19 -4.18
N LEU B 533 35.27 -34.31 -3.15
CA LEU B 533 35.53 -35.28 -2.10
C LEU B 533 35.48 -36.67 -2.70
N ARG B 534 34.53 -36.88 -3.62
CA ARG B 534 34.33 -38.16 -4.26
C ARG B 534 35.57 -38.61 -5.05
N GLU B 535 36.21 -37.66 -5.75
CA GLU B 535 37.49 -37.91 -6.42
C GLU B 535 38.66 -38.11 -5.46
N LYS B 536 38.95 -37.11 -4.62
CA LYS B 536 40.12 -37.14 -3.73
C LYS B 536 40.07 -38.23 -2.65
N LEU B 537 38.88 -38.54 -2.14
CA LEU B 537 38.74 -39.58 -1.14
C LEU B 537 38.68 -40.96 -1.80
N ASN B 538 39.50 -41.86 -1.29
CA ASN B 538 39.53 -43.24 -1.73
C ASN B 538 38.13 -43.87 -1.60
N PRO B 539 37.54 -44.38 -2.72
CA PRO B 539 36.22 -45.03 -2.62
C PRO B 539 36.29 -46.22 -1.69
N GLU B 540 35.14 -46.70 -1.20
CA GLU B 540 35.11 -47.75 -0.16
C GLU B 540 35.42 -47.20 1.27
N ILE B 541 36.46 -46.36 1.40
CA ILE B 541 36.58 -45.47 2.58
C ILE B 541 35.40 -44.51 2.54
N LEU B 542 35.13 -44.01 1.34
CA LEU B 542 33.97 -43.19 1.00
C LEU B 542 32.66 -43.93 1.20
N LYS B 543 32.60 -45.16 0.71
CA LYS B 543 31.40 -45.99 0.83
C LYS B 543 31.09 -46.34 2.28
N ARG B 544 32.14 -46.66 3.04
CA ARG B 544 32.00 -47.00 4.46
C ARG B 544 31.34 -45.85 5.21
N ILE B 545 32.01 -44.70 5.19
CA ILE B 545 31.69 -43.58 6.09
C ILE B 545 30.47 -42.74 5.71
N GLU B 546 30.10 -42.73 4.42
CA GLU B 546 29.05 -41.84 3.87
C GLU B 546 27.72 -41.76 4.65
N LYS B 547 27.41 -42.81 5.42
CA LYS B 547 26.21 -42.82 6.25
C LYS B 547 26.44 -41.98 7.50
N GLU B 548 27.55 -42.24 8.17
CA GLU B 548 28.00 -41.50 9.36
C GLU B 548 28.22 -40.00 9.11
N LEU B 549 28.81 -39.67 7.96
CA LEU B 549 28.98 -38.29 7.48
C LEU B 549 27.66 -37.55 7.26
N ILE B 550 26.66 -38.25 6.73
CA ILE B 550 25.32 -37.67 6.55
C ILE B 550 24.67 -37.30 7.88
N GLU B 551 24.88 -38.14 8.89
CA GLU B 551 24.34 -37.88 10.23
C GLU B 551 25.10 -36.78 10.98
N LYS B 552 26.40 -36.97 11.12
CA LYS B 552 27.27 -36.08 11.89
C LYS B 552 27.55 -34.73 11.19
N GLY B 553 27.39 -34.73 9.86
CA GLY B 553 27.47 -33.51 9.04
C GLY B 553 28.84 -32.89 8.90
N SER B 554 29.88 -33.66 9.25
CA SER B 554 31.28 -33.22 9.17
C SER B 554 32.18 -34.45 9.22
N LEU B 555 33.39 -34.33 8.66
CA LEU B 555 34.36 -35.43 8.70
C LEU B 555 35.09 -35.48 10.02
N LYS B 556 35.06 -34.36 10.75
CA LYS B 556 35.85 -34.11 11.98
C LYS B 556 35.91 -35.28 12.97
N ASP B 557 34.75 -35.81 13.33
CA ASP B 557 34.70 -36.88 14.32
C ASP B 557 34.28 -38.22 13.72
N ILE B 558 34.62 -38.39 12.44
CA ILE B 558 34.66 -39.69 11.82
C ILE B 558 36.10 -40.19 11.95
N PRO B 559 36.33 -41.30 12.72
CA PRO B 559 37.71 -41.79 12.87
C PRO B 559 38.11 -42.73 11.72
N ASP B 560 39.41 -42.74 11.41
CA ASP B 560 39.95 -43.47 10.25
C ASP B 560 39.55 -42.88 8.90
N VAL B 561 39.62 -41.54 8.83
CA VAL B 561 39.71 -40.75 7.59
C VAL B 561 40.97 -39.88 7.70
N PRO B 562 41.82 -39.89 6.65
CA PRO B 562 43.13 -39.25 6.71
C PRO B 562 43.08 -37.81 7.21
N GLU B 563 43.95 -37.48 8.15
CA GLU B 563 44.15 -36.12 8.65
C GLU B 563 44.20 -35.01 7.58
N LYS B 564 44.75 -35.30 6.40
CA LYS B 564 44.77 -34.27 5.35
C LYS B 564 43.44 -34.12 4.62
N ILE B 565 42.68 -35.21 4.50
CA ILE B 565 41.32 -35.16 3.99
C ILE B 565 40.41 -34.42 5.00
N LYS B 566 40.56 -34.74 6.29
CA LYS B 566 39.82 -34.08 7.36
C LYS B 566 40.05 -32.58 7.33
N LYS B 567 41.31 -32.19 7.20
CA LYS B 567 41.68 -30.77 7.29
C LYS B 567 41.21 -29.86 6.15
N VAL B 568 41.16 -30.43 4.95
CA VAL B 568 40.86 -29.70 3.74
C VAL B 568 39.35 -29.65 3.48
N PHE B 569 38.69 -30.79 3.66
CA PHE B 569 37.29 -30.89 3.38
C PHE B 569 36.43 -30.43 4.54
N VAL B 570 36.70 -29.19 4.96
CA VAL B 570 35.93 -28.50 5.99
C VAL B 570 34.57 -28.01 5.50
N VAL B 571 33.57 -28.17 6.36
CA VAL B 571 32.24 -27.63 6.15
C VAL B 571 32.06 -26.39 7.01
N ALA B 572 30.97 -25.66 6.78
CA ALA B 572 30.77 -24.36 7.38
C ALA B 572 30.92 -24.33 8.91
N LEU B 573 30.41 -25.36 9.58
CA LEU B 573 30.36 -25.40 11.05
C LEU B 573 31.64 -25.99 11.67
N ASP B 574 32.50 -26.58 10.84
CA ASP B 574 33.93 -26.83 11.19
C ASP B 574 34.76 -25.55 11.27
N ILE B 575 34.30 -24.50 10.61
CA ILE B 575 35.05 -23.24 10.51
C ILE B 575 34.52 -22.26 11.54
N ASP B 576 35.37 -21.81 12.45
CA ASP B 576 34.92 -20.94 13.51
C ASP B 576 34.54 -19.53 13.02
N PRO B 577 33.68 -18.81 13.78
CA PRO B 577 33.12 -17.53 13.33
C PRO B 577 34.10 -16.43 12.87
N MET B 578 35.28 -16.36 13.47
CA MET B 578 36.34 -15.42 13.03
C MET B 578 37.00 -15.84 11.72
N ASP B 579 37.22 -17.14 11.53
CA ASP B 579 37.63 -17.58 10.19
C ASP B 579 36.62 -17.25 9.09
N HIS B 580 35.33 -17.44 9.35
CA HIS B 580 34.31 -16.85 8.46
C HIS B 580 34.50 -15.36 8.27
N LEU B 581 34.58 -14.60 9.37
CA LEU B 581 34.66 -13.13 9.23
C LEU B 581 35.94 -12.66 8.52
N LEU B 582 37.05 -13.37 8.79
CA LEU B 582 38.32 -13.02 8.13
C LEU B 582 38.31 -13.46 6.69
N MET B 583 37.66 -14.56 6.31
CA MET B 583 37.46 -14.74 4.86
C MET B 583 36.70 -13.56 4.17
N GLN B 584 35.62 -13.08 4.81
CA GLN B 584 34.81 -11.98 4.23
C GLN B 584 35.67 -10.74 4.02
N ASP B 585 36.45 -10.36 5.03
CA ASP B 585 37.33 -9.19 4.99
C ASP B 585 38.38 -9.32 3.87
N ALA B 586 38.89 -10.52 3.65
CA ALA B 586 39.89 -10.79 2.62
C ALA B 586 39.31 -10.52 1.24
N PHE B 587 38.11 -11.05 1.00
CA PHE B 587 37.48 -10.78 -0.27
C PHE B 587 37.06 -9.34 -0.38
N GLN B 588 36.52 -8.75 0.68
CA GLN B 588 36.00 -7.36 0.68
C GLN B 588 37.04 -6.24 0.39
N ARG B 589 38.33 -6.54 0.54
CA ARG B 589 39.40 -5.52 0.30
C ARG B 589 39.51 -5.24 -1.17
N TYR B 590 39.02 -6.16 -2.01
CA TYR B 590 39.11 -6.16 -3.46
C TYR B 590 37.75 -6.22 -4.21
N VAL B 591 36.71 -5.77 -3.51
CA VAL B 591 35.35 -5.80 -4.00
C VAL B 591 34.82 -4.40 -3.81
N ASP B 592 34.26 -3.85 -4.87
CA ASP B 592 33.85 -2.46 -4.82
C ASP B 592 32.42 -2.25 -4.31
N ASN B 593 31.56 -3.26 -4.46
CA ASN B 593 30.24 -3.31 -3.84
C ASN B 593 30.45 -4.14 -2.57
N ASN B 594 29.49 -4.96 -2.15
CA ASN B 594 29.55 -5.55 -0.80
C ASN B 594 29.62 -7.07 -0.94
N ILE B 595 29.41 -7.81 0.13
CA ILE B 595 29.54 -9.26 0.05
C ILE B 595 28.44 -9.92 0.89
N SER B 596 27.77 -10.86 0.27
CA SER B 596 26.94 -11.79 0.98
C SER B 596 27.78 -12.89 1.59
N LYS B 597 27.92 -12.85 2.93
CA LYS B 597 28.57 -13.94 3.71
C LYS B 597 27.80 -14.20 5.01
N THR B 598 27.45 -15.45 5.31
CA THR B 598 26.84 -15.75 6.63
C THR B 598 27.91 -16.14 7.61
N ILE B 599 27.94 -15.46 8.77
CA ILE B 599 28.83 -15.90 9.81
C ILE B 599 28.10 -16.99 10.65
N ASN B 600 28.32 -18.23 10.28
CA ASN B 600 27.82 -19.39 11.00
C ASN B 600 28.43 -19.48 12.39
N MET B 601 27.58 -19.65 13.41
CA MET B 601 28.06 -19.92 14.76
C MET B 601 27.60 -21.27 15.27
N PRO B 602 28.42 -21.97 16.08
CA PRO B 602 27.96 -23.22 16.67
C PRO B 602 26.77 -23.01 17.63
N GLN B 603 25.96 -24.05 17.79
CA GLN B 603 24.78 -23.98 18.65
C GLN B 603 25.11 -23.41 20.06
N SER B 604 26.35 -23.63 20.49
CA SER B 604 26.78 -23.32 21.86
C SER B 604 27.36 -21.92 22.01
N ALA B 605 27.46 -21.20 20.90
CA ALA B 605 27.81 -19.79 20.91
C ALA B 605 26.90 -19.00 21.87
N THR B 606 27.46 -17.97 22.49
CA THR B 606 26.74 -17.16 23.47
C THR B 606 26.51 -15.79 22.89
N VAL B 607 25.68 -14.98 23.54
CA VAL B 607 25.39 -13.65 23.03
C VAL B 607 26.69 -12.87 23.01
N ASP B 608 27.56 -13.21 23.95
CA ASP B 608 28.90 -12.58 23.99
C ASP B 608 29.83 -12.95 22.81
N ASP B 609 29.72 -14.16 22.31
CA ASP B 609 30.34 -14.54 21.02
C ASP B 609 29.88 -13.72 19.82
N VAL B 610 28.59 -13.39 19.76
CA VAL B 610 28.03 -12.46 18.74
C VAL B 610 28.56 -11.06 18.90
N LEU B 611 28.61 -10.53 20.13
CA LEU B 611 29.15 -9.19 20.27
C LEU B 611 30.58 -9.12 19.73
N ASN B 612 31.33 -10.18 20.01
CA ASN B 612 32.73 -10.33 19.61
C ASN B 612 32.87 -10.37 18.13
N VAL B 613 31.96 -11.07 17.45
CA VAL B 613 31.88 -10.97 15.96
C VAL B 613 31.62 -9.56 15.48
N TYR B 614 30.77 -8.83 16.20
CA TYR B 614 30.43 -7.49 15.80
C TYR B 614 31.60 -6.55 15.95
N LEU B 615 32.29 -6.62 17.08
CA LEU B 615 33.52 -5.83 17.33
C LEU B 615 34.65 -6.14 16.31
N GLU B 616 34.94 -7.40 16.08
CA GLU B 616 35.91 -7.77 15.06
C GLU B 616 35.49 -7.20 13.71
N ALA B 617 34.17 -7.25 13.48
CA ALA B 617 33.58 -6.79 12.29
C ALA B 617 33.86 -5.30 12.03
N LEU B 618 33.74 -4.46 13.07
CA LEU B 618 34.04 -3.01 13.01
C LEU B 618 35.52 -2.68 12.78
N ARG B 619 36.42 -3.60 13.19
CA ARG B 619 37.85 -3.45 12.86
C ARG B 619 38.36 -3.93 11.52
N THR B 620 37.68 -4.90 10.92
CA THR B 620 38.09 -5.44 9.61
C THR B 620 37.53 -4.51 8.54
N ASN B 621 37.61 -4.91 7.27
CA ASN B 621 37.04 -4.06 6.18
C ASN B 621 35.60 -4.37 5.66
N VAL B 622 34.89 -5.25 6.36
CA VAL B 622 33.60 -5.76 5.90
C VAL B 622 32.58 -4.61 5.90
N ARG B 623 31.64 -4.68 4.99
CA ARG B 623 30.62 -3.61 4.81
C ARG B 623 29.28 -4.02 5.46
N GLY B 624 29.26 -5.19 6.09
CA GLY B 624 28.02 -5.63 6.73
C GLY B 624 28.19 -6.95 7.39
N ILE B 625 27.17 -7.42 8.09
CA ILE B 625 27.29 -8.63 8.91
C ILE B 625 25.95 -9.34 9.04
N THR B 626 25.99 -10.65 8.80
CA THR B 626 24.88 -11.56 9.01
C THR B 626 25.46 -12.68 9.83
N VAL B 627 24.81 -13.01 10.94
CA VAL B 627 25.20 -14.19 11.73
C VAL B 627 24.10 -15.22 11.78
N TYR B 628 24.46 -16.48 11.97
CA TYR B 628 23.42 -17.44 12.11
C TYR B 628 23.92 -18.58 12.98
N ARG B 629 23.29 -18.72 14.15
CA ARG B 629 23.66 -19.79 15.05
C ARG B 629 22.90 -21.05 14.71
N ASP B 630 23.67 -22.09 14.47
CA ASP B 630 23.19 -23.44 14.34
C ASP B 630 22.26 -23.75 15.52
N GLY B 631 21.07 -24.24 15.15
CA GLY B 631 20.02 -24.54 16.11
C GLY B 631 18.95 -23.45 16.31
N SER B 632 19.26 -22.21 15.97
CA SER B 632 18.40 -21.09 16.31
C SER B 632 17.17 -20.93 15.40
#